data_6XSJ
#
_entry.id   6XSJ
#
_cell.length_a   64.983
_cell.length_b   95.189
_cell.length_c   74.988
_cell.angle_alpha   90.000
_cell.angle_beta   103.510
_cell.angle_gamma   90.000
#
_symmetry.space_group_name_H-M   'P 1 21 1'
#
loop_
_entity.id
_entity.type
_entity.pdbx_description
1 polymer Alpha-amylase
2 branched alpha-D-mannopyranose-(1-3)-2-acetamido-2-deoxy-beta-D-glucopyranose
3 non-polymer 'CALCIUM ION'
4 non-polymer 2-acetamido-2-deoxy-beta-D-glucopyranose
5 non-polymer (4S)-2-METHYL-2,4-PENTANEDIOL
6 non-polymer '2-(N-MORPHOLINO)-ETHANESULFONIC ACID'
7 non-polymer 'PHOSPHATE ION'
8 non-polymer 'TETRAETHYLENE GLYCOL'
9 non-polymer ALANINE
10 water water
#
_entity_poly.entity_id   1
_entity_poly.type   'polypeptide(L)'
_entity_poly.pdbx_seq_one_letter_code
;MMVAWWSLFLYGLQVAAPALAATPADWRSQSIYFLLTDRFARTDGSTTATCNTADQKYCGGTWQGIIDKLDYIQGMGFTA
IWITPVTAQLPQTTAYGDAYHGYWQQDIYSLNENYGTADDLKALSSALHERGMYLMVDVVANHMGYDGAGSSVDYSVFKP
FSSQDYFHPFCLIQNYEDQTQVEDCWLGDNTVSLPDLDTTKDVVKNEWYDWVGSLVSNYSIDGLRIDTVKHVQKDFWPGY
NKAAGVYCIGEVLDGDPAYTCPYQNVMDGVLNYPIYYPLLNAFKSTSGSMDDLYNMINTVKSDCPDSTLLGTFVENHDNP
RFASYTNDIALAKNVAAFIILNDGIPIIYAGQEQHYAGGNDPANREATWLSGYPTDSELYKLIASANAIRNYAISKDTGF
VTYKNWPIYKDDTTIAMRKGTDGSQIVTILSNKGASGDSYTLSLSGAGYTAGQQLTEVIGCTTVTVGSDGNVPVPMAGGL
PRVLYPTEKLAGSKICSSS
;
_entity_poly.pdbx_strand_id   A,B
#
# COMPACT_ATOMS: atom_id res chain seq x y z
N ALA A 22 14.65 -18.96 4.64
CA ALA A 22 14.18 -17.80 5.48
C ALA A 22 12.85 -17.30 4.96
N THR A 23 11.98 -16.87 5.88
CA THR A 23 10.63 -16.47 5.54
C THR A 23 10.61 -15.07 4.92
N PRO A 24 9.49 -14.70 4.30
CA PRO A 24 9.35 -13.29 3.88
C PRO A 24 9.58 -12.28 4.96
N ALA A 25 9.09 -12.56 6.17
CA ALA A 25 9.34 -11.65 7.28
C ALA A 25 10.82 -11.53 7.59
N ASP A 26 11.54 -12.65 7.49
CA ASP A 26 12.98 -12.61 7.72
C ASP A 26 13.65 -11.74 6.65
N TRP A 27 13.16 -11.81 5.41
CA TRP A 27 13.82 -11.16 4.28
C TRP A 27 13.57 -9.65 4.26
N ARG A 28 12.53 -9.15 4.91
CA ARG A 28 12.22 -7.74 4.83
C ARG A 28 13.43 -6.89 5.24
N SER A 29 14.20 -7.33 6.24
CA SER A 29 15.35 -6.55 6.72
C SER A 29 16.59 -6.66 5.84
N GLN A 30 16.57 -7.50 4.82
CA GLN A 30 17.81 -7.80 4.11
C GLN A 30 18.17 -6.70 3.12
N SER A 31 19.43 -6.74 2.68
CA SER A 31 19.94 -5.90 1.62
C SER A 31 20.80 -6.80 0.73
N ILE A 32 20.50 -6.83 -0.56
CA ILE A 32 21.04 -7.81 -1.51
C ILE A 32 22.07 -7.20 -2.44
N TYR A 33 23.20 -7.89 -2.57
CA TYR A 33 24.19 -7.65 -3.61
C TYR A 33 23.99 -8.73 -4.66
N PHE A 34 23.53 -8.32 -5.82
CA PHE A 34 23.26 -9.21 -6.94
C PHE A 34 24.49 -9.25 -7.82
N LEU A 35 24.95 -10.47 -8.13
CA LEU A 35 26.16 -10.63 -8.89
C LEU A 35 25.96 -11.74 -9.92
N LEU A 36 26.71 -11.66 -11.00
CA LEU A 36 26.85 -12.75 -11.95
C LEU A 36 28.01 -13.62 -11.49
N THR A 37 27.76 -14.91 -11.28
CA THR A 37 28.84 -15.77 -10.80
C THR A 37 30.04 -15.72 -11.74
N ASP A 38 29.80 -15.75 -13.06
CA ASP A 38 30.90 -15.78 -13.99
C ASP A 38 31.72 -14.51 -13.97
N ARG A 39 31.16 -13.42 -13.44
CA ARG A 39 31.77 -12.11 -13.62
C ARG A 39 32.20 -11.44 -12.32
N PHE A 40 31.95 -12.04 -11.17
CA PHE A 40 32.26 -11.37 -9.92
C PHE A 40 33.69 -11.63 -9.44
N ALA A 41 34.09 -12.89 -9.32
CA ALA A 41 35.40 -13.21 -8.75
C ALA A 41 35.85 -14.59 -9.20
N ARG A 42 37.10 -14.68 -9.62
CA ARG A 42 37.71 -15.93 -10.03
C ARG A 42 38.40 -16.57 -8.84
N THR A 43 38.56 -17.92 -8.92
CA THR A 43 39.19 -18.64 -7.84
C THR A 43 40.60 -18.11 -7.54
N ASP A 44 41.33 -17.75 -8.58
CA ASP A 44 42.71 -17.23 -8.44
C ASP A 44 42.74 -15.78 -7.99
N GLY A 45 41.57 -15.16 -7.82
CA GLY A 45 41.51 -13.80 -7.32
C GLY A 45 42.13 -12.75 -8.19
N SER A 46 42.34 -13.04 -9.48
CA SER A 46 42.98 -12.07 -10.35
C SER A 46 42.10 -10.85 -10.56
N THR A 47 42.72 -9.68 -10.58
CA THR A 47 42.07 -8.42 -10.91
C THR A 47 42.40 -7.95 -12.31
N THR A 48 43.17 -8.73 -13.08
CA THR A 48 43.52 -8.37 -14.43
C THR A 48 43.02 -9.35 -15.47
N ALA A 49 42.50 -10.51 -15.06
CA ALA A 49 42.10 -11.52 -16.02
C ALA A 49 41.14 -10.91 -17.04
N THR A 50 41.38 -11.21 -18.33
CA THR A 50 40.60 -10.60 -19.39
C THR A 50 39.12 -10.96 -19.28
N CYS A 51 38.29 -9.95 -19.45
CA CYS A 51 36.87 -10.21 -19.62
C CYS A 51 36.35 -9.12 -20.55
N ASN A 52 36.30 -9.43 -21.85
CA ASN A 52 35.78 -8.54 -22.85
C ASN A 52 34.30 -8.90 -23.01
N THR A 53 33.44 -7.99 -22.56
CA THR A 53 32.01 -8.30 -22.58
C THR A 53 31.51 -8.58 -23.99
N ALA A 54 32.09 -7.94 -25.00
CA ALA A 54 31.64 -8.14 -26.37
C ALA A 54 31.81 -9.60 -26.80
N ASP A 55 32.77 -10.30 -26.20
CA ASP A 55 33.02 -11.71 -26.58
C ASP A 55 31.86 -12.61 -26.12
N GLN A 56 31.17 -12.20 -25.06
CA GLN A 56 30.02 -12.99 -24.51
C GLN A 56 30.45 -14.42 -24.18
N LYS A 57 31.64 -14.58 -23.62
CA LYS A 57 32.17 -15.88 -23.27
C LYS A 57 32.38 -15.94 -21.77
N TYR A 58 32.38 -17.18 -21.22
CA TYR A 58 32.77 -17.37 -19.84
C TYR A 58 34.10 -16.67 -19.57
N CYS A 59 34.17 -15.92 -18.50
CA CYS A 59 35.36 -15.25 -18.05
C CYS A 59 36.02 -15.89 -16.85
N GLY A 60 35.37 -16.82 -16.17
CA GLY A 60 36.01 -17.61 -15.14
C GLY A 60 35.57 -17.37 -13.71
N GLY A 61 34.54 -16.55 -13.48
CA GLY A 61 34.06 -16.41 -12.12
C GLY A 61 33.57 -17.73 -11.55
N THR A 62 33.80 -17.93 -10.25
CA THR A 62 33.42 -19.17 -9.59
C THR A 62 32.75 -18.90 -8.23
N TRP A 63 32.14 -19.96 -7.69
CA TRP A 63 31.58 -19.90 -6.35
C TRP A 63 32.68 -19.68 -5.31
N GLN A 64 33.84 -20.34 -5.50
CA GLN A 64 34.96 -20.16 -4.57
C GLN A 64 35.43 -18.70 -4.60
N GLY A 65 35.42 -18.08 -5.77
CA GLY A 65 35.77 -16.67 -5.86
C GLY A 65 34.90 -15.82 -4.97
N ILE A 66 33.59 -16.06 -5.02
CA ILE A 66 32.66 -15.30 -4.17
C ILE A 66 33.09 -15.39 -2.71
N ILE A 67 33.32 -16.61 -2.22
CA ILE A 67 33.72 -16.79 -0.84
C ILE A 67 34.91 -15.90 -0.50
N ASP A 68 35.91 -15.86 -1.38
CA ASP A 68 37.13 -15.12 -1.09
C ASP A 68 36.91 -13.60 -1.02
N LYS A 69 35.84 -13.10 -1.63
CA LYS A 69 35.53 -11.67 -1.63
C LYS A 69 34.31 -11.30 -0.76
N LEU A 70 33.91 -12.15 0.18
CA LEU A 70 32.76 -11.77 1.02
C LEU A 70 33.07 -10.57 1.91
N ASP A 71 34.33 -10.40 2.36
CA ASP A 71 34.61 -9.19 3.15
C ASP A 71 34.30 -7.93 2.33
N TYR A 72 34.62 -7.95 1.04
CA TYR A 72 34.34 -6.79 0.19
C TYR A 72 32.85 -6.50 0.12
N ILE A 73 32.04 -7.54 -0.04
CA ILE A 73 30.60 -7.35 -0.13
C ILE A 73 30.04 -6.91 1.25
N GLN A 74 30.43 -7.62 2.30
CA GLN A 74 29.84 -7.31 3.61
C GLN A 74 30.31 -5.95 4.13
N GLY A 75 31.47 -5.45 3.65
CA GLY A 75 31.91 -4.13 4.04
C GLY A 75 31.02 -3.02 3.54
N MET A 76 30.18 -3.29 2.55
CA MET A 76 29.17 -2.34 2.08
C MET A 76 27.87 -2.45 2.87
N GLY A 77 27.81 -3.33 3.85
CA GLY A 77 26.63 -3.48 4.65
C GLY A 77 25.54 -4.36 4.05
N PHE A 78 25.84 -5.06 2.99
CA PHE A 78 24.90 -6.03 2.46
C PHE A 78 24.79 -7.23 3.40
N THR A 79 23.60 -7.79 3.46
CA THR A 79 23.29 -8.93 4.31
C THR A 79 23.01 -10.18 3.53
N ALA A 80 23.06 -10.12 2.20
CA ALA A 80 22.67 -11.25 1.39
C ALA A 80 23.24 -11.05 0.00
N ILE A 81 23.42 -12.16 -0.70
CA ILE A 81 23.79 -12.11 -2.12
C ILE A 81 22.73 -12.85 -2.92
N TRP A 82 22.52 -12.40 -4.16
CA TRP A 82 21.75 -13.12 -5.17
C TRP A 82 22.72 -13.51 -6.28
N ILE A 83 22.82 -14.81 -6.56
CA ILE A 83 23.73 -15.31 -7.59
C ILE A 83 22.91 -15.88 -8.73
N THR A 84 23.49 -15.85 -9.91
CA THR A 84 22.82 -16.31 -11.14
C THR A 84 22.64 -17.81 -11.10
N PRO A 85 21.82 -18.36 -12.00
CA PRO A 85 21.42 -19.76 -11.90
C PRO A 85 22.58 -20.74 -11.94
N VAL A 86 22.37 -21.90 -11.34
CA VAL A 86 23.45 -22.83 -11.01
C VAL A 86 23.40 -24.10 -11.83
N THR A 87 22.35 -24.33 -12.61
CA THR A 87 22.17 -25.59 -13.30
C THR A 87 23.06 -25.67 -14.55
N ALA A 88 23.35 -26.90 -14.96
CA ALA A 88 24.15 -27.09 -16.15
C ALA A 88 23.48 -26.52 -17.39
N GLN A 89 24.30 -25.93 -18.24
CA GLN A 89 23.86 -25.08 -19.37
C GLN A 89 24.17 -25.77 -20.69
N LEU A 90 23.62 -25.22 -21.77
CA LEU A 90 24.09 -25.59 -23.08
C LEU A 90 25.60 -25.34 -23.23
N PRO A 91 26.32 -26.18 -23.94
CA PRO A 91 27.78 -26.07 -23.94
C PRO A 91 28.35 -25.13 -24.97
N GLN A 92 27.54 -24.80 -25.98
CA GLN A 92 28.03 -24.10 -27.15
C GLN A 92 28.31 -22.64 -26.86
N THR A 93 29.25 -22.07 -27.63
CA THR A 93 29.29 -20.63 -27.88
C THR A 93 28.29 -20.38 -29.01
N THR A 94 27.09 -19.91 -28.65
CA THR A 94 26.05 -19.62 -29.61
C THR A 94 26.36 -18.31 -30.33
N ALA A 95 25.56 -18.00 -31.37
CA ALA A 95 25.72 -16.71 -32.05
C ALA A 95 25.55 -15.55 -31.08
N TYR A 96 24.89 -15.78 -29.94
CA TYR A 96 24.77 -14.77 -28.90
C TYR A 96 25.69 -15.06 -27.70
N GLY A 97 26.71 -15.89 -27.90
CA GLY A 97 27.71 -16.17 -26.87
C GLY A 97 27.44 -17.43 -26.03
N ASP A 98 28.20 -17.54 -24.94
CA ASP A 98 28.14 -18.69 -24.08
C ASP A 98 26.99 -18.48 -23.06
N ALA A 99 26.62 -19.55 -22.42
CA ALA A 99 25.63 -19.50 -21.33
C ALA A 99 26.22 -19.05 -20.00
N TYR A 100 27.16 -18.12 -20.00
CA TYR A 100 27.85 -17.70 -18.78
C TYR A 100 26.89 -17.14 -17.75
N HIS A 101 25.70 -16.70 -18.19
CA HIS A 101 24.73 -16.04 -17.35
C HIS A 101 23.81 -17.02 -16.66
N GLY A 102 23.75 -18.29 -17.09
CA GLY A 102 22.98 -19.30 -16.41
C GLY A 102 21.53 -19.45 -16.78
N TYR A 103 21.02 -18.65 -17.72
CA TYR A 103 19.61 -18.69 -18.11
C TYR A 103 19.29 -19.64 -19.26
N TRP A 104 20.24 -20.50 -19.66
CA TRP A 104 20.06 -21.37 -20.81
C TRP A 104 20.35 -22.83 -20.38
N GLN A 105 19.57 -23.32 -19.40
CA GLN A 105 19.88 -24.61 -18.80
C GLN A 105 19.48 -25.76 -19.71
N GLN A 106 20.16 -26.91 -19.52
CA GLN A 106 19.82 -28.10 -20.27
C GLN A 106 19.70 -29.32 -19.36
N ASP A 107 20.40 -29.31 -18.23
CA ASP A 107 20.39 -30.45 -17.29
C ASP A 107 20.20 -29.90 -15.87
N ILE A 108 18.99 -30.03 -15.33
CA ILE A 108 18.69 -29.43 -14.04
C ILE A 108 19.21 -30.22 -12.86
N TYR A 109 19.69 -31.45 -13.11
CA TYR A 109 20.26 -32.29 -12.07
C TYR A 109 21.80 -32.35 -12.18
N SER A 110 22.40 -31.38 -12.83
CA SER A 110 23.82 -31.16 -12.81
C SER A 110 24.05 -29.68 -12.55
N LEU A 111 25.18 -29.37 -11.89
CA LEU A 111 25.60 -28.00 -11.75
C LEU A 111 26.45 -27.55 -12.95
N ASN A 112 26.52 -26.24 -13.16
CA ASN A 112 27.38 -25.66 -14.16
C ASN A 112 28.83 -25.76 -13.68
N GLU A 113 29.59 -26.66 -14.30
CA GLU A 113 30.97 -26.95 -13.89
C GLU A 113 31.86 -25.72 -13.97
N ASN A 114 31.48 -24.70 -14.73
CA ASN A 114 32.33 -23.52 -14.83
C ASN A 114 32.49 -22.83 -13.48
N TYR A 115 31.50 -22.96 -12.62
CA TYR A 115 31.48 -22.25 -11.35
C TYR A 115 32.06 -23.04 -10.19
N GLY A 116 32.23 -24.35 -10.35
CA GLY A 116 32.77 -25.20 -9.32
C GLY A 116 31.94 -26.44 -9.14
N THR A 117 32.08 -27.06 -7.99
CA THR A 117 31.44 -28.31 -7.68
C THR A 117 30.31 -28.06 -6.68
N ALA A 118 29.50 -29.11 -6.46
CA ALA A 118 28.48 -29.05 -5.43
C ALA A 118 29.09 -28.66 -4.09
N ASP A 119 30.27 -29.21 -3.75
CA ASP A 119 30.92 -28.89 -2.48
C ASP A 119 31.25 -27.39 -2.40
N ASP A 120 31.61 -26.79 -3.53
CA ASP A 120 31.87 -25.35 -3.58
C ASP A 120 30.60 -24.55 -3.32
N LEU A 121 29.51 -24.91 -3.98
CA LEU A 121 28.27 -24.18 -3.75
C LEU A 121 27.82 -24.32 -2.30
N LYS A 122 27.93 -25.54 -1.71
CA LYS A 122 27.61 -25.68 -0.29
C LYS A 122 28.56 -24.86 0.58
N ALA A 123 29.84 -24.78 0.18
CA ALA A 123 30.80 -23.98 0.93
C ALA A 123 30.43 -22.51 0.87
N LEU A 124 29.82 -22.08 -0.23
CA LEU A 124 29.42 -20.66 -0.35
C LEU A 124 28.26 -20.36 0.58
N SER A 125 27.25 -21.25 0.65
CA SER A 125 26.15 -21.04 1.60
CA SER A 125 26.15 -21.04 1.60
C SER A 125 26.65 -21.08 3.04
N SER A 126 27.57 -22.02 3.34
CA SER A 126 28.14 -22.08 4.68
C SER A 126 28.87 -20.80 5.05
N ALA A 127 29.70 -20.29 4.14
CA ALA A 127 30.46 -19.09 4.45
C ALA A 127 29.52 -17.92 4.70
N LEU A 128 28.46 -17.80 3.88
CA LEU A 128 27.50 -16.72 4.08
C LEU A 128 26.85 -16.85 5.45
N HIS A 129 26.47 -18.07 5.81
CA HIS A 129 25.81 -18.27 7.10
C HIS A 129 26.75 -17.96 8.26
N GLU A 130 28.06 -18.31 8.10
CA GLU A 130 29.04 -18.01 9.15
C GLU A 130 29.08 -16.51 9.42
N ARG A 131 28.72 -15.71 8.44
CA ARG A 131 28.71 -14.25 8.54
C ARG A 131 27.31 -13.70 8.85
N GLY A 132 26.34 -14.56 9.08
CA GLY A 132 24.97 -14.12 9.30
C GLY A 132 24.30 -13.58 8.05
N MET A 133 24.83 -13.93 6.86
CA MET A 133 24.24 -13.48 5.61
C MET A 133 23.41 -14.59 5.01
N TYR A 134 22.54 -14.20 4.08
CA TYR A 134 21.66 -15.10 3.35
C TYR A 134 22.16 -15.32 1.93
N LEU A 135 21.88 -16.52 1.42
CA LEU A 135 22.14 -16.86 0.02
C LEU A 135 20.81 -16.88 -0.71
N MET A 136 20.71 -16.09 -1.77
CA MET A 136 19.58 -16.16 -2.70
C MET A 136 20.08 -16.67 -4.04
N VAL A 137 19.38 -17.67 -4.59
CA VAL A 137 19.76 -18.28 -5.85
C VAL A 137 18.70 -17.97 -6.88
N ASP A 138 19.15 -17.65 -8.08
CA ASP A 138 18.30 -17.39 -9.26
C ASP A 138 17.90 -18.74 -9.85
N VAL A 139 16.63 -18.88 -10.21
CA VAL A 139 16.12 -20.11 -10.79
C VAL A 139 15.22 -19.82 -11.98
N VAL A 140 15.25 -20.73 -12.94
CA VAL A 140 14.39 -20.65 -14.11
C VAL A 140 13.53 -21.88 -14.13
N ALA A 141 12.21 -21.68 -14.19
CA ALA A 141 11.28 -22.75 -14.43
C ALA A 141 10.66 -22.73 -15.83
N ASN A 142 10.72 -21.59 -16.52
CA ASN A 142 9.95 -21.40 -17.74
C ASN A 142 10.53 -22.17 -18.92
N HIS A 143 11.85 -22.28 -19.01
CA HIS A 143 12.45 -22.74 -20.27
C HIS A 143 13.81 -23.43 -20.03
N MET A 144 14.17 -24.22 -21.00
CA MET A 144 15.53 -24.70 -21.19
C MET A 144 16.19 -23.82 -22.22
N GLY A 145 17.38 -24.19 -22.66
CA GLY A 145 18.09 -23.45 -23.70
C GLY A 145 18.71 -24.39 -24.71
N TYR A 146 18.80 -23.91 -25.95
CA TYR A 146 19.33 -24.74 -27.03
C TYR A 146 19.97 -23.87 -28.10
N ASP A 147 21.19 -24.24 -28.53
CA ASP A 147 21.89 -23.52 -29.58
C ASP A 147 21.27 -23.83 -30.94
N GLY A 148 20.43 -22.91 -31.43
CA GLY A 148 19.85 -23.06 -32.74
C GLY A 148 18.38 -22.64 -32.80
N ALA A 149 17.82 -22.74 -34.01
CA ALA A 149 16.43 -22.37 -34.24
C ALA A 149 15.49 -23.40 -33.61
N GLY A 150 14.25 -22.98 -33.42
CA GLY A 150 13.28 -23.85 -32.75
C GLY A 150 13.11 -25.18 -33.47
N SER A 151 13.12 -25.17 -34.81
CA SER A 151 12.94 -26.39 -35.58
C SER A 151 14.15 -27.32 -35.45
N SER A 152 15.27 -26.86 -34.92
N SER A 152 15.27 -26.86 -34.92
CA SER A 152 16.47 -27.68 -34.80
CA SER A 152 16.47 -27.68 -34.80
C SER A 152 16.63 -28.30 -33.43
C SER A 152 16.66 -28.25 -33.41
N VAL A 153 15.73 -28.01 -32.50
CA VAL A 153 15.88 -28.47 -31.12
C VAL A 153 15.81 -30.00 -31.08
N ASP A 154 16.81 -30.62 -30.44
CA ASP A 154 16.81 -32.05 -30.12
C ASP A 154 16.45 -32.14 -28.64
N TYR A 155 15.18 -32.48 -28.37
CA TYR A 155 14.69 -32.49 -27.00
C TYR A 155 15.38 -33.52 -26.11
N SER A 156 16.03 -34.52 -26.71
CA SER A 156 16.68 -35.56 -25.92
C SER A 156 17.89 -35.04 -25.14
N VAL A 157 18.38 -33.83 -25.44
CA VAL A 157 19.52 -33.29 -24.68
C VAL A 157 19.10 -32.74 -23.33
N PHE A 158 17.81 -32.54 -23.10
CA PHE A 158 17.33 -31.97 -21.86
C PHE A 158 17.10 -33.05 -20.81
N LYS A 159 17.53 -32.75 -19.57
CA LYS A 159 17.39 -33.67 -18.45
C LYS A 159 16.65 -32.96 -17.33
N PRO A 160 15.51 -33.47 -16.86
CA PRO A 160 14.88 -34.78 -17.20
C PRO A 160 13.85 -34.69 -18.33
N PHE A 161 13.70 -33.52 -18.92
CA PHE A 161 12.59 -33.23 -19.82
C PHE A 161 12.99 -33.57 -21.27
N SER A 162 13.37 -34.84 -21.49
CA SER A 162 14.06 -35.27 -22.70
C SER A 162 13.10 -35.62 -23.84
N SER A 163 11.97 -34.95 -23.95
CA SER A 163 10.95 -35.27 -24.94
C SER A 163 10.16 -34.00 -25.25
N GLN A 164 9.73 -33.91 -26.50
CA GLN A 164 8.91 -32.79 -26.92
C GLN A 164 7.61 -32.71 -26.12
N ASP A 165 7.16 -33.84 -25.60
CA ASP A 165 5.89 -33.92 -24.87
C ASP A 165 5.87 -33.00 -23.66
N TYR A 166 7.03 -32.63 -23.10
CA TYR A 166 7.05 -31.79 -21.91
C TYR A 166 6.95 -30.30 -22.22
N PHE A 167 6.93 -29.94 -23.51
CA PHE A 167 7.07 -28.56 -23.94
C PHE A 167 5.85 -28.08 -24.71
N HIS A 168 5.64 -26.76 -24.64
CA HIS A 168 4.62 -26.13 -25.46
C HIS A 168 5.03 -26.20 -26.92
N PRO A 169 4.05 -26.33 -27.84
CA PRO A 169 4.34 -26.23 -29.27
C PRO A 169 5.18 -25.00 -29.61
N PHE A 170 6.08 -25.15 -30.59
CA PHE A 170 6.99 -24.08 -30.92
C PHE A 170 6.24 -22.89 -31.54
N CYS A 171 6.23 -21.77 -30.83
CA CYS A 171 5.78 -20.49 -31.32
C CYS A 171 6.58 -19.42 -30.57
N LEU A 172 6.49 -18.18 -31.04
CA LEU A 172 7.23 -17.07 -30.45
C LEU A 172 6.23 -16.07 -29.89
N ILE A 173 6.69 -15.28 -28.92
CA ILE A 173 5.87 -14.28 -28.26
C ILE A 173 5.92 -13.01 -29.08
N GLN A 174 4.78 -12.64 -29.66
CA GLN A 174 4.69 -11.51 -30.58
C GLN A 174 4.03 -10.30 -29.96
N ASN A 175 3.09 -10.50 -29.05
CA ASN A 175 2.27 -9.42 -28.50
C ASN A 175 2.20 -9.63 -26.99
N TYR A 176 2.86 -8.75 -26.24
CA TYR A 176 2.93 -8.89 -24.78
C TYR A 176 1.65 -8.49 -24.07
N GLU A 177 0.68 -7.97 -24.79
CA GLU A 177 -0.67 -7.80 -24.25
C GLU A 177 -1.51 -9.07 -24.36
N ASP A 178 -1.02 -10.12 -25.06
CA ASP A 178 -1.72 -11.40 -25.17
C ASP A 178 -1.08 -12.32 -24.15
N GLN A 179 -1.69 -12.39 -22.95
CA GLN A 179 -1.07 -13.11 -21.85
C GLN A 179 -0.98 -14.62 -22.15
N THR A 180 -1.89 -15.17 -22.94
CA THR A 180 -1.78 -16.55 -23.33
C THR A 180 -0.51 -16.77 -24.16
N GLN A 181 -0.25 -15.91 -25.13
CA GLN A 181 1.00 -16.00 -25.92
C GLN A 181 2.19 -15.89 -25.00
N VAL A 182 2.16 -14.89 -24.11
CA VAL A 182 3.29 -14.63 -23.22
C VAL A 182 3.69 -15.88 -22.45
N GLU A 183 2.67 -16.67 -22.03
CA GLU A 183 2.84 -17.87 -21.20
C GLU A 183 3.10 -19.12 -21.98
N ASP A 184 2.44 -19.28 -23.15
CA ASP A 184 2.46 -20.54 -23.87
C ASP A 184 3.53 -20.59 -24.98
N CYS A 185 4.01 -19.45 -25.43
CA CYS A 185 4.99 -19.40 -26.51
C CYS A 185 6.41 -19.28 -26.01
N TRP A 186 7.35 -19.51 -26.90
CA TRP A 186 8.77 -19.54 -26.55
C TRP A 186 9.42 -18.14 -26.61
N LEU A 187 10.32 -17.88 -25.66
CA LEU A 187 11.01 -16.63 -25.55
C LEU A 187 12.08 -16.49 -26.61
N GLY A 188 12.52 -15.24 -26.80
CA GLY A 188 13.65 -14.94 -27.65
C GLY A 188 13.27 -14.77 -29.09
N ASP A 189 14.27 -14.40 -29.88
CA ASP A 189 14.11 -14.49 -31.33
C ASP A 189 14.42 -15.95 -31.65
N ASN A 190 14.79 -16.24 -32.87
CA ASN A 190 14.97 -17.62 -33.28
C ASN A 190 16.43 -17.99 -33.43
N THR A 191 17.30 -17.31 -32.68
CA THR A 191 18.75 -17.54 -32.76
C THR A 191 19.21 -18.56 -31.72
N VAL A 192 18.87 -18.32 -30.46
CA VAL A 192 19.09 -19.27 -29.37
C VAL A 192 17.69 -19.62 -28.88
N SER A 193 17.28 -20.87 -29.03
CA SER A 193 15.92 -21.23 -28.63
CA SER A 193 15.92 -21.24 -28.63
C SER A 193 15.86 -21.49 -27.14
N LEU A 194 14.70 -21.17 -26.56
CA LEU A 194 14.41 -21.32 -25.11
C LEU A 194 13.15 -22.17 -25.03
N PRO A 195 13.27 -23.49 -25.26
CA PRO A 195 12.09 -24.35 -25.32
C PRO A 195 11.22 -24.17 -24.09
N ASP A 196 9.90 -23.91 -24.33
CA ASP A 196 9.00 -23.50 -23.28
C ASP A 196 8.36 -24.73 -22.64
N LEU A 197 8.68 -24.97 -21.40
CA LEU A 197 8.08 -26.11 -20.70
C LEU A 197 6.58 -25.90 -20.56
N ASP A 198 5.82 -26.98 -20.70
CA ASP A 198 4.38 -26.93 -20.48
C ASP A 198 4.11 -27.07 -18.98
N THR A 199 4.09 -25.94 -18.32
CA THR A 199 3.94 -25.87 -16.88
C THR A 199 2.50 -26.06 -16.42
N THR A 200 1.58 -26.32 -17.34
CA THR A 200 0.23 -26.72 -16.97
C THR A 200 0.12 -28.23 -16.75
N LYS A 201 1.14 -28.98 -17.12
CA LYS A 201 1.12 -30.43 -16.96
C LYS A 201 1.53 -30.80 -15.55
N ASP A 202 0.77 -31.71 -14.94
CA ASP A 202 1.11 -32.15 -13.59
C ASP A 202 2.52 -32.74 -13.53
N VAL A 203 2.95 -33.42 -14.59
CA VAL A 203 4.29 -34.03 -14.57
C VAL A 203 5.37 -32.95 -14.47
N VAL A 204 5.13 -31.81 -15.09
CA VAL A 204 6.08 -30.71 -15.04
C VAL A 204 6.03 -30.02 -13.69
N LYS A 205 4.83 -29.68 -13.20
CA LYS A 205 4.72 -29.10 -11.86
C LYS A 205 5.38 -29.99 -10.82
N ASN A 206 5.06 -31.28 -10.84
CA ASN A 206 5.61 -32.19 -9.83
C ASN A 206 7.11 -32.23 -9.88
N GLU A 207 7.68 -32.30 -11.08
CA GLU A 207 9.14 -32.33 -11.21
C GLU A 207 9.75 -31.03 -10.71
N TRP A 208 9.20 -29.89 -11.13
CA TRP A 208 9.74 -28.62 -10.68
C TRP A 208 9.59 -28.44 -9.17
N TYR A 209 8.42 -28.78 -8.62
CA TYR A 209 8.24 -28.62 -7.19
C TYR A 209 9.23 -29.48 -6.43
N ASP A 210 9.32 -30.75 -6.78
CA ASP A 210 10.29 -31.62 -6.11
C ASP A 210 11.70 -31.05 -6.26
N TRP A 211 12.05 -30.61 -7.47
CA TRP A 211 13.38 -30.08 -7.70
C TRP A 211 13.70 -28.89 -6.82
N VAL A 212 12.77 -27.92 -6.74
CA VAL A 212 13.14 -26.70 -6.05
C VAL A 212 13.26 -26.95 -4.56
N GLY A 213 12.35 -27.76 -3.99
CA GLY A 213 12.50 -28.09 -2.59
C GLY A 213 13.80 -28.79 -2.31
N SER A 214 14.20 -29.71 -3.20
CA SER A 214 15.46 -30.41 -3.03
C SER A 214 16.67 -29.47 -3.21
N LEU A 215 16.56 -28.50 -4.11
CA LEU A 215 17.65 -27.55 -4.30
C LEU A 215 17.86 -26.77 -3.01
N VAL A 216 16.78 -26.22 -2.47
CA VAL A 216 16.87 -25.39 -1.27
C VAL A 216 17.46 -26.18 -0.12
N SER A 217 16.96 -27.41 0.09
CA SER A 217 17.47 -28.26 1.15
C SER A 217 18.93 -28.65 0.90
N ASN A 218 19.24 -29.15 -0.32
CA ASN A 218 20.58 -29.60 -0.67
C ASN A 218 21.62 -28.56 -0.25
N TYR A 219 21.34 -27.27 -0.52
CA TYR A 219 22.34 -26.23 -0.48
C TYR A 219 22.03 -25.16 0.57
N SER A 220 21.03 -25.37 1.41
CA SER A 220 20.70 -24.47 2.50
C SER A 220 20.52 -23.05 1.95
N ILE A 221 19.70 -22.95 0.91
CA ILE A 221 19.41 -21.67 0.27
C ILE A 221 18.36 -20.94 1.09
N ASP A 222 18.53 -19.62 1.25
CA ASP A 222 17.66 -18.86 2.13
C ASP A 222 16.51 -18.17 1.42
N GLY A 223 16.63 -17.95 0.12
CA GLY A 223 15.57 -17.37 -0.68
C GLY A 223 15.90 -17.56 -2.14
N LEU A 224 14.91 -17.36 -2.99
CA LEU A 224 15.08 -17.58 -4.42
C LEU A 224 14.65 -16.31 -5.15
N ARG A 225 15.34 -16.04 -6.25
CA ARG A 225 14.89 -15.05 -7.23
C ARG A 225 14.44 -15.87 -8.43
N ILE A 226 13.21 -15.66 -8.85
CA ILE A 226 12.60 -16.47 -9.89
C ILE A 226 12.54 -15.71 -11.20
N ASP A 227 13.20 -16.25 -12.20
CA ASP A 227 13.29 -15.64 -13.52
C ASP A 227 11.92 -15.79 -14.20
N THR A 228 11.69 -14.90 -15.18
CA THR A 228 10.64 -15.05 -16.23
C THR A 228 9.27 -15.43 -15.69
N VAL A 229 8.88 -14.77 -14.61
CA VAL A 229 7.66 -15.17 -13.90
C VAL A 229 6.42 -14.95 -14.75
N LYS A 230 6.39 -13.86 -15.51
CA LYS A 230 5.20 -13.54 -16.29
C LYS A 230 4.96 -14.54 -17.42
N HIS A 231 5.93 -15.39 -17.72
CA HIS A 231 5.85 -16.32 -18.83
C HIS A 231 5.37 -17.68 -18.41
N VAL A 232 4.97 -17.85 -17.14
CA VAL A 232 4.37 -19.07 -16.61
C VAL A 232 3.02 -18.70 -16.02
N GLN A 233 2.01 -19.51 -16.31
CA GLN A 233 0.68 -19.20 -15.80
C GLN A 233 0.70 -19.13 -14.29
N LYS A 234 -0.19 -18.29 -13.72
CA LYS A 234 -0.13 -17.96 -12.31
C LYS A 234 -0.38 -19.15 -11.41
N ASP A 235 -1.23 -20.09 -11.81
CA ASP A 235 -1.52 -21.22 -10.93
C ASP A 235 -0.30 -22.10 -10.69
N PHE A 236 0.82 -21.86 -11.39
CA PHE A 236 2.03 -22.64 -11.13
C PHE A 236 2.77 -22.16 -9.90
N TRP A 237 2.72 -20.86 -9.62
CA TRP A 237 3.67 -20.23 -8.70
C TRP A 237 3.35 -20.46 -7.23
N PRO A 238 2.10 -20.53 -6.80
CA PRO A 238 1.87 -20.77 -5.36
C PRO A 238 2.47 -22.10 -4.91
N GLY A 239 2.30 -23.16 -5.69
CA GLY A 239 2.89 -24.43 -5.33
C GLY A 239 4.41 -24.41 -5.38
N TYR A 240 4.97 -23.68 -6.36
CA TYR A 240 6.42 -23.57 -6.46
C TYR A 240 6.99 -22.83 -5.25
N ASN A 241 6.42 -21.66 -4.94
CA ASN A 241 6.82 -20.92 -3.75
C ASN A 241 6.67 -21.79 -2.49
N LYS A 242 5.62 -22.60 -2.43
CA LYS A 242 5.43 -23.41 -1.23
C LYS A 242 6.50 -24.52 -1.17
N ALA A 243 6.68 -25.22 -2.27
CA ALA A 243 7.70 -26.27 -2.35
C ALA A 243 9.06 -25.71 -1.98
N ALA A 244 9.37 -24.50 -2.40
CA ALA A 244 10.67 -23.90 -2.10
C ALA A 244 10.87 -23.77 -0.60
N GLY A 245 9.82 -23.46 0.12
CA GLY A 245 9.89 -23.32 1.57
C GLY A 245 10.58 -22.04 2.03
N VAL A 246 10.91 -21.15 1.10
CA VAL A 246 11.59 -19.91 1.43
C VAL A 246 10.95 -18.76 0.66
N TYR A 247 11.29 -17.55 1.06
CA TYR A 247 10.92 -16.36 0.34
C TYR A 247 11.38 -16.44 -1.11
N CYS A 248 10.45 -16.11 -2.02
CA CYS A 248 10.68 -16.06 -3.44
C CYS A 248 10.34 -14.66 -3.94
N ILE A 249 11.24 -14.05 -4.68
CA ILE A 249 11.00 -12.78 -5.34
C ILE A 249 11.06 -13.01 -6.83
N GLY A 250 10.00 -12.58 -7.53
CA GLY A 250 9.82 -12.92 -8.92
C GLY A 250 10.22 -11.78 -9.85
N GLU A 251 10.87 -12.16 -10.97
CA GLU A 251 11.09 -11.21 -12.04
C GLU A 251 9.82 -11.14 -12.87
N VAL A 252 9.10 -10.02 -12.77
CA VAL A 252 7.95 -9.76 -13.62
C VAL A 252 8.31 -8.49 -14.39
N LEU A 253 8.76 -8.64 -15.62
CA LEU A 253 9.45 -7.57 -16.32
C LEU A 253 8.38 -6.69 -16.97
N ASP A 254 7.85 -5.73 -16.21
CA ASP A 254 6.82 -4.84 -16.71
C ASP A 254 6.68 -3.66 -15.75
N GLY A 255 6.68 -2.46 -16.28
CA GLY A 255 6.62 -1.28 -15.45
C GLY A 255 5.24 -0.91 -14.97
N ASP A 256 4.20 -1.60 -15.43
CA ASP A 256 2.83 -1.24 -15.07
C ASP A 256 2.45 -1.93 -13.79
N PRO A 257 2.31 -1.23 -12.67
CA PRO A 257 2.01 -1.92 -11.39
C PRO A 257 0.69 -2.67 -11.41
N ALA A 258 -0.25 -2.26 -12.25
CA ALA A 258 -1.53 -2.98 -12.35
C ALA A 258 -1.33 -4.38 -12.93
N TYR A 259 -0.25 -4.58 -13.69
CA TYR A 259 0.08 -5.90 -14.22
C TYR A 259 1.02 -6.65 -13.30
N THR A 260 2.05 -5.95 -12.81
CA THR A 260 3.12 -6.62 -12.05
C THR A 260 2.74 -6.91 -10.61
N CYS A 261 2.10 -5.98 -9.93
CA CYS A 261 1.90 -6.18 -8.50
C CYS A 261 0.92 -7.30 -8.19
N PRO A 262 -0.08 -7.58 -9.03
CA PRO A 262 -0.94 -8.75 -8.74
C PRO A 262 -0.18 -10.07 -8.65
N TYR A 263 1.04 -10.13 -9.20
CA TYR A 263 1.80 -11.36 -9.08
C TYR A 263 2.19 -11.63 -7.64
N GLN A 264 2.11 -10.62 -6.77
CA GLN A 264 2.28 -10.83 -5.35
C GLN A 264 1.15 -11.61 -4.71
N ASN A 265 0.07 -11.89 -5.46
CA ASN A 265 -0.96 -12.77 -4.96
C ASN A 265 -0.62 -14.24 -5.14
N VAL A 266 0.43 -14.55 -5.91
CA VAL A 266 0.88 -15.91 -6.13
C VAL A 266 2.34 -16.12 -5.74
N MET A 267 3.07 -15.08 -5.38
CA MET A 267 4.47 -15.16 -4.97
C MET A 267 4.69 -14.15 -3.86
N ASP A 268 5.69 -14.43 -3.01
CA ASP A 268 5.93 -13.54 -1.87
C ASP A 268 6.23 -12.11 -2.35
N GLY A 269 7.18 -11.99 -3.27
CA GLY A 269 7.58 -10.68 -3.74
C GLY A 269 7.86 -10.68 -5.23
N VAL A 270 7.98 -9.47 -5.76
CA VAL A 270 8.43 -9.26 -7.14
C VAL A 270 9.46 -8.14 -7.17
N LEU A 271 10.29 -8.15 -8.20
CA LEU A 271 11.22 -7.07 -8.41
C LEU A 271 10.42 -5.81 -8.80
N ASN A 272 10.82 -4.70 -8.20
CA ASN A 272 10.04 -3.46 -8.33
C ASN A 272 10.35 -2.77 -9.66
N TYR A 273 9.98 -3.45 -10.76
CA TYR A 273 10.04 -2.83 -12.08
C TYR A 273 9.12 -1.62 -12.18
N PRO A 274 7.95 -1.57 -11.54
CA PRO A 274 7.17 -0.30 -11.59
C PRO A 274 7.97 0.91 -11.12
N ILE A 275 8.77 0.80 -10.05
CA ILE A 275 9.52 1.91 -9.54
C ILE A 275 10.78 2.14 -10.41
N TYR A 276 11.29 1.07 -10.99
CA TYR A 276 12.55 1.17 -11.76
C TYR A 276 12.50 2.33 -12.75
N TYR A 277 11.48 2.37 -13.61
CA TYR A 277 11.51 3.28 -14.74
C TYR A 277 11.45 4.73 -14.29
N PRO A 278 10.52 5.13 -13.43
CA PRO A 278 10.55 6.52 -12.95
C PRO A 278 11.76 6.83 -12.07
N LEU A 279 12.28 5.85 -11.34
CA LEU A 279 13.43 6.13 -10.51
C LEU A 279 14.65 6.46 -11.38
N LEU A 280 14.88 5.66 -12.42
CA LEU A 280 15.96 5.96 -13.34
C LEU A 280 15.76 7.34 -13.95
N ASN A 281 14.53 7.64 -14.43
CA ASN A 281 14.31 8.91 -15.11
C ASN A 281 14.57 10.07 -14.17
N ALA A 282 14.18 9.93 -12.89
CA ALA A 282 14.28 11.04 -11.97
C ALA A 282 15.72 11.46 -11.73
N PHE A 283 16.64 10.50 -11.73
CA PHE A 283 18.02 10.75 -11.36
C PHE A 283 19.00 10.64 -12.51
N LYS A 284 18.56 10.16 -13.68
CA LYS A 284 19.52 9.97 -14.77
C LYS A 284 19.94 11.30 -15.41
N SER A 285 19.29 12.40 -15.09
CA SER A 285 19.74 13.71 -15.57
C SER A 285 19.19 14.78 -14.63
N THR A 286 19.79 15.98 -14.71
CA THR A 286 19.34 17.10 -13.89
C THR A 286 17.93 17.59 -14.25
N SER A 287 17.32 17.07 -15.32
CA SER A 287 15.94 17.41 -15.66
C SER A 287 14.95 16.28 -15.39
N GLY A 288 15.38 15.23 -14.67
CA GLY A 288 14.49 14.11 -14.40
C GLY A 288 13.26 14.55 -13.60
N SER A 289 12.18 13.79 -13.74
CA SER A 289 10.89 14.10 -13.14
C SER A 289 10.75 13.54 -11.72
N MET A 290 10.82 14.40 -10.72
CA MET A 290 10.49 13.96 -9.38
C MET A 290 9.01 13.60 -9.26
N ASP A 291 8.15 14.28 -10.03
CA ASP A 291 6.71 14.01 -9.94
C ASP A 291 6.40 12.55 -10.28
N ASP A 292 7.00 12.02 -11.35
CA ASP A 292 6.67 10.67 -11.76
C ASP A 292 7.13 9.64 -10.73
N LEU A 293 8.29 9.89 -10.12
CA LEU A 293 8.74 9.00 -9.06
C LEU A 293 7.85 9.09 -7.85
N TYR A 294 7.55 10.31 -7.38
CA TYR A 294 6.63 10.50 -6.26
C TYR A 294 5.33 9.74 -6.51
N ASN A 295 4.75 9.90 -7.70
CA ASN A 295 3.45 9.30 -8.01
C ASN A 295 3.52 7.77 -8.00
N MET A 296 4.62 7.20 -8.53
CA MET A 296 4.74 5.75 -8.56
C MET A 296 5.00 5.20 -7.16
N ILE A 297 5.78 5.89 -6.34
CA ILE A 297 5.92 5.49 -4.96
C ILE A 297 4.55 5.36 -4.32
N ASN A 298 3.71 6.38 -4.53
CA ASN A 298 2.38 6.34 -3.89
C ASN A 298 1.50 5.25 -4.46
N THR A 299 1.61 5.00 -5.78
CA THR A 299 0.75 3.98 -6.37
C THR A 299 1.13 2.59 -5.87
N VAL A 300 2.43 2.30 -5.87
CA VAL A 300 2.89 1.00 -5.37
C VAL A 300 2.51 0.79 -3.92
N LYS A 301 2.71 1.83 -3.11
CA LYS A 301 2.43 1.76 -1.68
C LYS A 301 0.97 1.43 -1.39
N SER A 302 0.05 2.02 -2.16
CA SER A 302 -1.38 1.80 -1.87
C SER A 302 -1.95 0.58 -2.59
N ASP A 303 -1.52 0.31 -3.82
CA ASP A 303 -2.18 -0.66 -4.68
C ASP A 303 -1.48 -2.03 -4.74
N CYS A 304 -0.18 -2.08 -4.49
CA CYS A 304 0.49 -3.36 -4.52
C CYS A 304 0.21 -4.10 -3.21
N PRO A 305 0.04 -5.43 -3.26
CA PRO A 305 -0.28 -6.15 -2.03
C PRO A 305 0.65 -5.85 -0.86
N ASP A 306 1.96 -5.80 -1.07
CA ASP A 306 2.86 -5.42 0.01
C ASP A 306 4.17 -4.85 -0.55
N SER A 307 4.25 -3.53 -0.58
CA SER A 307 5.43 -2.85 -1.06
C SER A 307 6.69 -3.26 -0.31
N THR A 308 6.58 -3.66 0.95
CA THR A 308 7.74 -4.01 1.74
C THR A 308 8.31 -5.38 1.43
N LEU A 309 7.73 -6.12 0.49
CA LEU A 309 8.27 -7.39 0.05
C LEU A 309 8.77 -7.29 -1.40
N LEU A 310 8.78 -6.10 -1.98
CA LEU A 310 9.33 -5.90 -3.33
C LEU A 310 10.83 -5.68 -3.20
N GLY A 311 11.54 -5.85 -4.31
CA GLY A 311 12.95 -5.53 -4.38
C GLY A 311 13.28 -4.28 -5.18
N THR A 312 13.90 -3.27 -4.58
CA THR A 312 14.13 -1.99 -5.23
C THR A 312 15.50 -2.05 -5.94
N PHE A 313 15.55 -1.60 -7.20
CA PHE A 313 16.80 -1.59 -7.96
C PHE A 313 16.74 -0.44 -8.98
N VAL A 314 17.92 0.00 -9.44
CA VAL A 314 18.01 0.84 -10.62
C VAL A 314 19.02 0.30 -11.64
N GLU A 315 19.64 -0.87 -11.36
CA GLU A 315 20.71 -1.39 -12.20
C GLU A 315 20.63 -2.90 -12.14
N ASN A 316 20.73 -3.54 -13.29
CA ASN A 316 20.78 -4.98 -13.40
C ASN A 316 21.38 -5.36 -14.74
N HIS A 317 21.38 -6.68 -15.04
CA HIS A 317 22.03 -7.23 -16.22
C HIS A 317 21.16 -7.20 -17.46
N ASP A 318 19.94 -6.64 -17.34
CA ASP A 318 18.99 -6.59 -18.45
C ASP A 318 18.68 -5.17 -18.88
N ASN A 319 19.37 -4.16 -18.35
CA ASN A 319 19.20 -2.78 -18.78
C ASN A 319 20.54 -2.08 -18.77
N PRO A 320 20.65 -0.95 -19.47
CA PRO A 320 21.90 -0.18 -19.36
C PRO A 320 22.15 0.25 -17.92
N ARG A 321 23.43 0.24 -17.52
CA ARG A 321 23.77 0.62 -16.17
C ARG A 321 23.43 2.09 -15.94
N PHE A 322 23.25 2.45 -14.67
CA PHE A 322 22.93 3.87 -14.38
C PHE A 322 23.97 4.81 -14.97
N ALA A 323 25.26 4.48 -14.81
CA ALA A 323 26.30 5.40 -15.26
C ALA A 323 26.42 5.43 -16.79
N SER A 324 25.76 4.50 -17.51
CA SER A 324 25.71 4.64 -18.95
C SER A 324 24.86 5.85 -19.37
N TYR A 325 23.95 6.26 -18.49
CA TYR A 325 23.13 7.44 -18.71
C TYR A 325 23.79 8.71 -18.23
N THR A 326 24.61 8.64 -17.18
CA THR A 326 25.28 9.83 -16.64
C THR A 326 26.38 9.38 -15.71
N ASN A 327 27.51 10.01 -15.84
CA ASN A 327 28.67 9.77 -14.98
C ASN A 327 28.68 10.72 -13.79
N ASP A 328 27.61 11.48 -13.56
CA ASP A 328 27.60 12.41 -12.44
C ASP A 328 27.54 11.60 -11.14
N ILE A 329 28.56 11.75 -10.31
CA ILE A 329 28.66 10.91 -9.13
C ILE A 329 27.57 11.27 -8.11
N ALA A 330 27.18 12.54 -8.04
CA ALA A 330 26.10 12.88 -7.13
C ALA A 330 24.79 12.22 -7.54
N LEU A 331 24.52 12.13 -8.84
CA LEU A 331 23.27 11.50 -9.24
C LEU A 331 23.32 10.01 -8.89
N ALA A 332 24.49 9.39 -9.06
CA ALA A 332 24.61 7.98 -8.70
C ALA A 332 24.46 7.77 -7.20
N LYS A 333 24.96 8.70 -6.39
CA LYS A 333 24.80 8.56 -4.94
C LYS A 333 23.34 8.68 -4.50
N ASN A 334 22.58 9.59 -5.13
CA ASN A 334 21.19 9.76 -4.77
C ASN A 334 20.35 8.54 -5.14
N VAL A 335 20.59 7.96 -6.33
CA VAL A 335 19.79 6.80 -6.72
C VAL A 335 20.14 5.59 -5.85
N ALA A 336 21.43 5.44 -5.52
CA ALA A 336 21.83 4.34 -4.62
C ALA A 336 21.21 4.52 -3.24
N ALA A 337 21.17 5.75 -2.73
CA ALA A 337 20.53 6.03 -1.45
C ALA A 337 19.04 5.70 -1.49
N PHE A 338 18.37 6.04 -2.58
CA PHE A 338 16.95 5.71 -2.69
C PHE A 338 16.72 4.21 -2.62
N ILE A 339 17.53 3.45 -3.36
CA ILE A 339 17.39 2.00 -3.42
C ILE A 339 17.50 1.41 -2.02
N ILE A 340 18.45 1.92 -1.22
CA ILE A 340 18.65 1.34 0.11
C ILE A 340 17.54 1.74 1.08
N LEU A 341 16.98 2.94 0.95
CA LEU A 341 16.04 3.46 1.95
C LEU A 341 14.58 3.39 1.52
N ASN A 342 14.26 2.94 0.33
CA ASN A 342 12.87 2.71 -0.07
C ASN A 342 12.27 1.50 0.64
N ASP A 343 10.94 1.42 0.62
CA ASP A 343 10.26 0.18 1.03
C ASP A 343 10.88 -1.03 0.35
N GLY A 344 10.88 -2.15 1.05
CA GLY A 344 11.29 -3.42 0.48
C GLY A 344 12.77 -3.69 0.62
N ILE A 345 13.26 -4.61 -0.23
CA ILE A 345 14.61 -5.13 -0.09
C ILE A 345 15.49 -4.40 -1.10
N PRO A 346 16.51 -3.65 -0.67
CA PRO A 346 17.46 -3.06 -1.63
C PRO A 346 18.16 -4.11 -2.42
N ILE A 347 18.38 -3.85 -3.72
CA ILE A 347 19.16 -4.73 -4.57
C ILE A 347 20.15 -3.91 -5.39
N ILE A 348 21.43 -4.09 -5.10
CA ILE A 348 22.52 -3.43 -5.81
C ILE A 348 23.21 -4.46 -6.70
N TYR A 349 23.49 -4.08 -7.93
CA TYR A 349 24.11 -4.98 -8.95
C TYR A 349 25.62 -4.77 -9.01
N ALA A 350 26.36 -5.85 -8.75
CA ALA A 350 27.80 -5.82 -8.71
C ALA A 350 28.35 -4.98 -9.86
N GLY A 351 29.22 -4.02 -9.49
CA GLY A 351 29.73 -3.02 -10.39
C GLY A 351 29.12 -1.65 -10.16
N GLN A 352 27.86 -1.61 -9.76
CA GLN A 352 27.22 -0.32 -9.49
C GLN A 352 28.05 0.48 -8.51
N GLU A 353 28.60 -0.19 -7.51
CA GLU A 353 29.39 0.49 -6.46
C GLU A 353 30.74 0.96 -6.97
N GLN A 354 31.17 0.52 -8.13
CA GLN A 354 32.37 0.98 -8.81
C GLN A 354 32.02 1.84 -10.02
N HIS A 355 30.76 2.30 -10.10
CA HIS A 355 30.37 3.28 -11.13
C HIS A 355 30.52 2.72 -12.54
N TYR A 356 30.31 1.41 -12.70
CA TYR A 356 30.33 0.81 -14.00
C TYR A 356 29.29 1.43 -14.93
N ALA A 357 29.67 1.57 -16.21
CA ALA A 357 28.90 2.37 -17.15
C ALA A 357 28.45 1.63 -18.42
N GLY A 358 28.50 0.30 -18.39
CA GLY A 358 28.10 -0.45 -19.56
C GLY A 358 26.65 -0.31 -19.91
N GLY A 359 26.38 -0.33 -21.22
CA GLY A 359 25.04 -0.28 -21.76
C GLY A 359 24.39 -1.65 -21.78
N ASN A 360 23.50 -1.86 -22.74
CA ASN A 360 22.71 -3.08 -22.73
C ASN A 360 23.57 -4.31 -22.96
N ASP A 361 23.05 -5.44 -22.50
CA ASP A 361 23.58 -6.78 -22.69
C ASP A 361 24.25 -6.92 -24.05
N PRO A 362 25.52 -7.31 -24.09
CA PRO A 362 26.35 -7.85 -23.01
C PRO A 362 27.18 -6.81 -22.24
N ALA A 363 27.04 -5.52 -22.57
CA ALA A 363 27.95 -4.54 -22.05
C ALA A 363 27.82 -4.32 -20.55
N ASN A 364 26.65 -4.65 -19.99
CA ASN A 364 26.40 -4.50 -18.57
C ASN A 364 26.79 -5.73 -17.75
N ARG A 365 27.52 -6.68 -18.34
CA ARG A 365 28.03 -7.87 -17.64
C ARG A 365 29.54 -7.77 -17.39
N GLU A 366 30.01 -6.56 -17.11
CA GLU A 366 31.42 -6.35 -16.81
C GLU A 366 31.88 -7.15 -15.58
N ALA A 367 33.12 -7.56 -15.62
CA ALA A 367 33.70 -8.33 -14.54
C ALA A 367 34.02 -7.39 -13.40
N THR A 368 33.51 -7.72 -12.21
CA THR A 368 33.76 -6.88 -11.05
C THR A 368 35.23 -6.83 -10.66
N TRP A 369 35.96 -7.93 -10.89
CA TRP A 369 37.35 -7.97 -10.47
C TRP A 369 38.23 -6.96 -11.19
N LEU A 370 37.85 -6.50 -12.36
CA LEU A 370 38.67 -5.54 -13.11
C LEU A 370 38.69 -4.17 -12.43
N SER A 371 37.76 -3.93 -11.50
CA SER A 371 37.84 -2.69 -10.71
C SER A 371 38.95 -2.74 -9.68
N GLY A 372 39.46 -3.93 -9.33
CA GLY A 372 40.36 -4.05 -8.21
C GLY A 372 39.66 -4.04 -6.84
N TYR A 373 38.34 -4.05 -6.83
CA TYR A 373 37.57 -4.13 -5.60
C TYR A 373 37.96 -3.05 -4.59
N PRO A 374 38.13 -1.80 -4.99
CA PRO A 374 38.49 -0.79 -4.01
C PRO A 374 37.36 -0.54 -3.03
N THR A 375 37.71 -0.47 -1.74
CA THR A 375 36.74 -0.30 -0.68
C THR A 375 36.63 1.15 -0.24
N ASP A 376 37.26 2.05 -0.98
CA ASP A 376 37.22 3.48 -0.70
C ASP A 376 36.70 4.26 -1.90
N SER A 377 36.08 3.59 -2.88
CA SER A 377 35.50 4.31 -3.98
C SER A 377 34.31 5.12 -3.47
N GLU A 378 33.90 6.11 -4.28
CA GLU A 378 32.83 7.02 -3.87
C GLU A 378 31.55 6.28 -3.55
N LEU A 379 31.14 5.37 -4.44
CA LEU A 379 29.87 4.67 -4.24
C LEU A 379 29.97 3.52 -3.24
N TYR A 380 31.16 2.92 -3.09
CA TYR A 380 31.35 1.95 -2.02
C TYR A 380 31.02 2.61 -0.67
N LYS A 381 31.59 3.81 -0.44
CA LYS A 381 31.39 4.54 0.81
C LYS A 381 29.95 4.95 0.99
N LEU A 382 29.33 5.50 -0.06
CA LEU A 382 27.92 5.91 0.02
C LEU A 382 27.05 4.73 0.39
N ILE A 383 27.21 3.61 -0.31
CA ILE A 383 26.42 2.41 -0.02
C ILE A 383 26.68 1.89 1.38
N ALA A 384 27.96 1.85 1.80
CA ALA A 384 28.28 1.45 3.16
C ALA A 384 27.57 2.31 4.20
N SER A 385 27.53 3.64 3.97
CA SER A 385 26.85 4.50 4.94
C SER A 385 25.33 4.28 4.92
N ALA A 386 24.74 4.16 3.73
CA ALA A 386 23.30 3.99 3.64
C ALA A 386 22.87 2.64 4.23
N ASN A 387 23.58 1.57 3.88
CA ASN A 387 23.21 0.30 4.52
C ASN A 387 23.48 0.35 6.01
N ALA A 388 24.54 1.06 6.43
CA ALA A 388 24.85 1.08 7.85
C ALA A 388 23.68 1.65 8.66
N ILE A 389 23.15 2.79 8.20
CA ILE A 389 22.08 3.41 8.98
C ILE A 389 20.80 2.58 8.90
N ARG A 390 20.52 1.99 7.74
CA ARG A 390 19.33 1.13 7.63
C ARG A 390 19.46 -0.12 8.50
N ASN A 391 20.62 -0.76 8.49
CA ASN A 391 20.81 -1.92 9.34
C ASN A 391 20.70 -1.55 10.81
N TYR A 392 21.32 -0.42 11.18
CA TYR A 392 21.24 0.06 12.56
C TYR A 392 19.80 0.41 12.94
N ALA A 393 19.16 1.23 12.11
CA ALA A 393 17.78 1.62 12.41
C ALA A 393 16.89 0.40 12.59
N ILE A 394 17.02 -0.59 11.69
CA ILE A 394 16.21 -1.80 11.82
C ILE A 394 16.47 -2.50 13.15
N SER A 395 17.73 -2.54 13.58
CA SER A 395 18.08 -3.22 14.81
C SER A 395 17.48 -2.53 16.04
N LYS A 396 17.07 -1.27 15.89
CA LYS A 396 16.46 -0.49 16.97
C LYS A 396 14.96 -0.26 16.82
N ASP A 397 14.38 -0.63 15.69
CA ASP A 397 12.99 -0.27 15.36
C ASP A 397 12.41 -1.45 14.59
N THR A 398 11.73 -2.35 15.31
CA THR A 398 11.13 -3.50 14.65
C THR A 398 9.98 -3.10 13.71
N GLY A 399 9.59 -1.85 13.72
CA GLY A 399 8.61 -1.36 12.76
C GLY A 399 9.15 -0.70 11.50
N PHE A 400 10.47 -0.51 11.41
CA PHE A 400 11.02 0.19 10.22
C PHE A 400 10.60 -0.50 8.92
N VAL A 401 10.77 -1.83 8.85
CA VAL A 401 10.57 -2.50 7.59
C VAL A 401 9.11 -2.58 7.18
N THR A 402 8.17 -2.43 8.10
CA THR A 402 6.75 -2.48 7.77
C THR A 402 6.09 -1.10 7.76
N TYR A 403 6.81 -0.05 8.11
CA TYR A 403 6.34 1.33 7.97
C TYR A 403 6.51 1.74 6.53
N LYS A 404 5.41 2.05 5.86
CA LYS A 404 5.47 2.29 4.43
C LYS A 404 6.14 3.64 4.17
N ASN A 405 7.20 3.62 3.36
CA ASN A 405 7.90 4.83 2.98
C ASN A 405 6.92 5.92 2.53
N TRP A 406 7.14 7.13 3.03
CA TRP A 406 6.20 8.22 2.82
C TRP A 406 6.89 9.43 2.19
N PRO A 407 6.61 9.70 0.92
CA PRO A 407 7.18 10.92 0.29
C PRO A 407 6.47 12.16 0.83
N ILE A 408 7.23 13.01 1.51
CA ILE A 408 6.71 14.16 2.23
C ILE A 408 6.94 15.48 1.53
N TYR A 409 7.78 15.52 0.48
CA TYR A 409 8.06 16.79 -0.17
C TYR A 409 8.63 16.47 -1.55
N LYS A 410 8.34 17.33 -2.50
CA LYS A 410 9.01 17.32 -3.78
C LYS A 410 8.98 18.73 -4.37
N ASP A 411 9.98 19.02 -5.19
CA ASP A 411 9.99 20.17 -6.06
C ASP A 411 10.69 19.74 -7.35
N ASP A 412 11.10 20.71 -8.15
CA ASP A 412 11.62 20.38 -9.48
C ASP A 412 12.88 19.51 -9.40
N THR A 413 13.64 19.66 -8.32
CA THR A 413 14.92 18.96 -8.22
C THR A 413 15.06 18.15 -6.95
N THR A 414 13.98 17.89 -6.22
CA THR A 414 14.09 17.31 -4.90
C THR A 414 12.92 16.39 -4.61
N ILE A 415 13.19 15.32 -3.86
CA ILE A 415 12.16 14.49 -3.26
C ILE A 415 12.66 14.10 -1.87
N ALA A 416 11.80 14.24 -0.86
CA ALA A 416 12.12 13.89 0.49
C ALA A 416 11.13 12.83 0.96
N MET A 417 11.63 11.84 1.72
CA MET A 417 10.77 10.75 2.17
C MET A 417 11.08 10.38 3.59
N ARG A 418 10.10 9.78 4.24
CA ARG A 418 10.18 9.45 5.65
C ARG A 418 9.77 7.99 5.85
N LYS A 419 10.56 7.27 6.64
CA LYS A 419 10.30 5.86 6.89
C LYS A 419 10.78 5.52 8.30
N GLY A 420 9.93 4.84 9.05
CA GLY A 420 10.28 4.44 10.38
C GLY A 420 9.36 5.00 11.45
N THR A 421 9.39 4.34 12.58
CA THR A 421 8.53 4.71 13.72
C THR A 421 8.84 6.10 14.24
N ASP A 422 7.79 6.83 14.66
CA ASP A 422 7.97 8.16 15.21
C ASP A 422 9.01 8.14 16.33
N GLY A 423 9.92 9.10 16.28
CA GLY A 423 11.02 9.18 17.19
C GLY A 423 12.26 8.49 16.69
N SER A 424 12.11 7.62 15.66
CA SER A 424 13.22 6.83 15.16
C SER A 424 13.24 6.82 13.64
N GLN A 425 12.53 7.75 12.99
CA GLN A 425 12.38 7.67 11.55
C GLN A 425 13.64 8.19 10.86
N ILE A 426 13.97 7.55 9.72
CA ILE A 426 14.96 8.09 8.79
C ILE A 426 14.25 9.01 7.81
N VAL A 427 14.78 10.21 7.66
CA VAL A 427 14.26 11.20 6.71
C VAL A 427 15.34 11.49 5.70
N THR A 428 15.05 11.19 4.45
CA THR A 428 16.00 11.23 3.35
C THR A 428 15.61 12.32 2.36
N ILE A 429 16.58 13.13 1.99
CA ILE A 429 16.35 14.21 1.04
C ILE A 429 17.24 13.94 -0.15
N LEU A 430 16.63 13.67 -1.29
CA LEU A 430 17.35 13.36 -2.50
C LEU A 430 17.19 14.49 -3.53
N SER A 431 18.13 14.57 -4.45
CA SER A 431 18.25 15.71 -5.32
C SER A 431 18.77 15.24 -6.67
N ASN A 432 18.32 15.90 -7.74
CA ASN A 432 18.90 15.67 -9.05
C ASN A 432 19.63 16.90 -9.59
N LYS A 433 20.09 17.80 -8.71
CA LYS A 433 20.87 18.94 -9.17
C LYS A 433 22.24 18.54 -9.66
N GLY A 434 22.72 17.36 -9.30
CA GLY A 434 24.03 16.93 -9.74
C GLY A 434 25.16 17.55 -8.99
N ALA A 435 26.37 17.16 -9.41
CA ALA A 435 27.55 17.44 -8.60
C ALA A 435 27.86 18.92 -8.56
N SER A 436 27.34 19.68 -9.51
CA SER A 436 27.56 21.13 -9.52
C SER A 436 26.44 21.88 -8.82
N GLY A 437 25.61 21.18 -8.06
CA GLY A 437 24.47 21.82 -7.45
C GLY A 437 24.87 22.93 -6.50
N ASP A 438 24.04 23.97 -6.44
CA ASP A 438 24.36 25.12 -5.63
C ASP A 438 24.11 24.78 -4.15
N SER A 439 24.66 25.64 -3.28
CA SER A 439 24.51 25.52 -1.85
C SER A 439 23.32 26.35 -1.38
N TYR A 440 22.40 25.73 -0.67
CA TYR A 440 21.25 26.45 -0.13
C TYR A 440 20.65 25.63 1.01
N THR A 441 19.69 26.20 1.70
CA THR A 441 19.01 25.53 2.79
C THR A 441 17.57 25.23 2.41
N LEU A 442 17.17 23.98 2.53
CA LEU A 442 15.80 23.56 2.27
C LEU A 442 15.10 23.49 3.62
N SER A 443 14.04 24.30 3.80
CA SER A 443 13.24 24.22 5.01
C SER A 443 12.19 23.13 4.82
N LEU A 444 12.43 21.95 5.42
CA LEU A 444 11.63 20.77 5.16
C LEU A 444 10.57 20.62 6.23
N SER A 445 9.31 20.59 5.81
CA SER A 445 8.19 20.38 6.70
C SER A 445 7.69 18.96 6.55
N GLY A 446 7.05 18.46 7.59
CA GLY A 446 6.40 17.18 7.56
C GLY A 446 7.25 15.99 7.93
N ALA A 447 8.46 16.22 8.47
CA ALA A 447 9.37 15.12 8.83
C ALA A 447 8.97 14.42 10.11
N GLY A 448 8.16 15.04 10.96
CA GLY A 448 7.59 14.41 12.11
C GLY A 448 8.48 14.39 13.32
N TYR A 449 9.60 15.12 13.30
CA TYR A 449 10.48 15.22 14.46
C TYR A 449 9.98 16.36 15.35
N THR A 450 10.19 16.20 16.65
CA THR A 450 9.82 17.26 17.58
C THR A 450 10.76 18.45 17.42
N ALA A 451 10.25 19.62 17.76
CA ALA A 451 11.07 20.82 17.83
C ALA A 451 12.30 20.60 18.70
N GLY A 452 13.48 20.90 18.15
CA GLY A 452 14.71 20.75 18.89
C GLY A 452 15.31 19.36 18.84
N GLN A 453 14.71 18.45 18.10
CA GLN A 453 15.36 17.16 17.87
C GLN A 453 16.68 17.37 17.12
N GLN A 454 17.75 16.82 17.67
CA GLN A 454 19.04 16.84 17.00
C GLN A 454 19.13 15.66 16.04
N LEU A 455 19.47 15.94 14.76
CA LEU A 455 19.59 14.88 13.76
C LEU A 455 21.02 14.81 13.25
N THR A 456 21.46 13.59 12.95
CA THR A 456 22.72 13.36 12.28
C THR A 456 22.41 13.07 10.84
N GLU A 457 23.11 13.75 9.95
CA GLU A 457 23.12 13.45 8.52
C GLU A 457 24.25 12.46 8.31
N VAL A 458 23.89 11.20 8.04
CA VAL A 458 24.84 10.11 8.18
C VAL A 458 25.73 9.95 6.96
N ILE A 459 25.34 10.49 5.81
CA ILE A 459 26.23 10.40 4.65
C ILE A 459 27.50 11.24 4.87
N GLY A 460 27.32 12.48 5.32
CA GLY A 460 28.45 13.37 5.56
C GLY A 460 28.86 13.49 7.02
N CYS A 461 28.10 12.88 7.91
CA CYS A 461 28.36 12.89 9.34
C CYS A 461 28.38 14.32 9.87
N THR A 462 27.25 14.98 9.68
CA THR A 462 27.02 16.32 10.19
C THR A 462 25.70 16.31 10.94
N THR A 463 25.35 17.45 11.54
N THR A 463 25.34 17.46 11.51
CA THR A 463 24.15 17.54 12.36
CA THR A 463 24.18 17.55 12.39
C THR A 463 23.28 18.70 11.91
C THR A 463 23.29 18.70 11.94
N VAL A 464 21.99 18.52 12.15
CA VAL A 464 20.99 19.57 11.90
C VAL A 464 20.05 19.47 13.11
N THR A 465 19.53 20.62 13.54
CA THR A 465 18.55 20.64 14.61
C THR A 465 17.22 21.13 14.07
N VAL A 466 16.15 20.38 14.39
CA VAL A 466 14.82 20.79 13.98
C VAL A 466 14.49 22.15 14.58
N GLY A 467 13.91 23.04 13.76
CA GLY A 467 13.56 24.37 14.20
C GLY A 467 12.37 24.38 15.16
N SER A 468 12.12 25.56 15.73
CA SER A 468 11.04 25.70 16.68
C SER A 468 9.68 25.54 16.04
N ASP A 469 9.58 25.74 14.74
CA ASP A 469 8.37 25.53 13.97
C ASP A 469 8.22 24.10 13.47
N GLY A 470 9.11 23.20 13.87
CA GLY A 470 9.05 21.81 13.43
C GLY A 470 9.64 21.55 12.07
N ASN A 471 10.16 22.57 11.41
CA ASN A 471 10.80 22.38 10.10
C ASN A 471 12.26 22.02 10.33
N VAL A 472 12.81 21.21 9.42
CA VAL A 472 14.20 20.80 9.44
C VAL A 472 14.95 21.72 8.49
N PRO A 473 15.96 22.44 8.93
CA PRO A 473 16.80 23.20 7.99
C PRO A 473 17.88 22.31 7.39
N VAL A 474 17.62 21.77 6.21
CA VAL A 474 18.51 20.81 5.57
C VAL A 474 19.53 21.57 4.72
N PRO A 475 20.82 21.54 5.05
CA PRO A 475 21.84 22.11 4.15
C PRO A 475 21.89 21.25 2.91
N MET A 476 21.82 21.91 1.75
CA MET A 476 21.90 21.23 0.47
C MET A 476 23.10 21.78 -0.26
N ALA A 477 23.86 20.90 -0.95
CA ALA A 477 25.06 21.35 -1.65
C ALA A 477 25.56 20.20 -2.50
N GLY A 478 26.16 20.54 -3.64
CA GLY A 478 26.76 19.57 -4.52
C GLY A 478 25.83 18.45 -4.94
N GLY A 479 24.53 18.73 -4.94
CA GLY A 479 23.54 17.73 -5.29
C GLY A 479 23.58 16.47 -4.46
N LEU A 480 24.13 16.54 -3.25
CA LEU A 480 24.38 15.32 -2.48
C LEU A 480 23.11 14.87 -1.74
N PRO A 481 22.93 13.55 -1.57
CA PRO A 481 21.80 13.06 -0.77
C PRO A 481 22.06 13.27 0.71
N ARG A 482 20.98 13.51 1.44
CA ARG A 482 21.02 13.77 2.86
C ARG A 482 20.13 12.73 3.53
N VAL A 483 20.67 12.01 4.53
CA VAL A 483 19.95 10.96 5.21
C VAL A 483 20.02 11.29 6.69
N LEU A 484 18.86 11.59 7.29
CA LEU A 484 18.81 12.11 8.65
C LEU A 484 18.22 11.10 9.60
N TYR A 485 18.78 11.05 10.83
CA TYR A 485 18.36 10.12 11.85
C TYR A 485 18.67 10.75 13.19
N PRO A 486 17.83 10.54 14.20
CA PRO A 486 18.07 11.25 15.46
C PRO A 486 19.42 10.94 16.09
N THR A 487 20.12 12.01 16.48
CA THR A 487 21.46 11.86 17.05
C THR A 487 21.41 11.03 18.31
N GLU A 488 20.40 11.24 19.14
CA GLU A 488 20.22 10.41 20.34
C GLU A 488 20.13 8.93 20.00
N LYS A 489 19.35 8.59 18.96
CA LYS A 489 19.15 7.18 18.60
C LYS A 489 20.43 6.59 18.04
N LEU A 490 21.20 7.37 17.29
CA LEU A 490 22.47 6.88 16.78
C LEU A 490 23.42 6.62 17.93
N ALA A 491 23.26 7.39 19.02
CA ALA A 491 24.03 7.20 20.25
C ALA A 491 25.47 6.76 19.99
N GLY A 492 25.86 5.62 20.54
CA GLY A 492 27.24 5.23 20.52
C GLY A 492 27.61 4.25 19.43
N SER A 493 26.87 4.28 18.33
CA SER A 493 27.22 3.44 17.21
C SER A 493 28.48 3.98 16.51
N LYS A 494 29.12 3.12 15.74
CA LYS A 494 30.32 3.50 14.99
C LYS A 494 29.99 4.29 13.73
N ILE A 495 28.73 4.52 13.44
CA ILE A 495 28.35 5.41 12.36
C ILE A 495 28.65 6.84 12.80
N CYS A 496 29.52 7.51 12.06
CA CYS A 496 29.85 8.91 12.31
C CYS A 496 30.61 9.11 13.63
N SER A 497 31.34 8.10 14.06
CA SER A 497 32.10 8.20 15.31
C SER A 497 33.29 9.13 15.11
N ALA B 22 -11.71 -7.70 -0.55
CA ALA B 22 -11.46 -6.81 -1.71
C ALA B 22 -10.30 -5.86 -1.39
N THR B 23 -9.55 -5.48 -2.42
CA THR B 23 -8.33 -4.74 -2.24
C THR B 23 -8.62 -3.24 -2.10
N PRO B 24 -7.63 -2.46 -1.69
CA PRO B 24 -7.81 -1.00 -1.68
C PRO B 24 -8.26 -0.46 -3.02
N ALA B 25 -7.68 -0.94 -4.13
CA ALA B 25 -8.11 -0.47 -5.43
C ALA B 25 -9.58 -0.77 -5.68
N ASP B 26 -10.02 -1.98 -5.30
CA ASP B 26 -11.42 -2.31 -5.42
C ASP B 26 -12.29 -1.35 -4.62
N TRP B 27 -11.83 -0.92 -3.44
CA TRP B 27 -12.71 -0.16 -2.55
C TRP B 27 -12.82 1.31 -2.94
N ARG B 28 -11.89 1.84 -3.73
CA ARG B 28 -11.97 3.26 -4.12
C ARG B 28 -13.31 3.61 -4.73
N SER B 29 -13.90 2.72 -5.52
CA SER B 29 -15.17 3.05 -6.18
C SER B 29 -16.40 2.85 -5.28
N GLN B 30 -16.22 2.42 -4.05
CA GLN B 30 -17.36 2.05 -3.22
C GLN B 30 -17.97 3.27 -2.53
N SER B 31 -19.21 3.08 -2.05
CA SER B 31 -19.93 4.07 -1.29
C SER B 31 -20.58 3.32 -0.16
N ILE B 32 -20.32 3.74 1.10
CA ILE B 32 -20.64 2.98 2.31
C ILE B 32 -21.85 3.57 3.04
N TYR B 33 -22.80 2.71 3.39
CA TYR B 33 -23.86 2.99 4.36
C TYR B 33 -23.44 2.34 5.66
N PHE B 34 -23.06 3.17 6.65
CA PHE B 34 -22.63 2.75 7.97
C PHE B 34 -23.84 2.67 8.89
N LEU B 35 -24.00 1.54 9.54
CA LEU B 35 -25.20 1.32 10.37
C LEU B 35 -24.79 0.65 11.68
N LEU B 36 -25.62 0.90 12.74
CA LEU B 36 -25.52 0.13 13.95
C LEU B 36 -26.43 -1.07 13.83
N THR B 37 -25.86 -2.29 13.97
CA THR B 37 -26.64 -3.48 13.74
C THR B 37 -27.84 -3.48 14.68
N ASP B 38 -27.62 -3.09 15.96
CA ASP B 38 -28.75 -3.11 16.89
C ASP B 38 -29.86 -2.11 16.55
N ARG B 39 -29.57 -1.11 15.72
CA ARG B 39 -30.48 0.01 15.54
C ARG B 39 -31.03 0.16 14.14
N PHE B 40 -30.59 -0.65 13.18
CA PHE B 40 -31.02 -0.44 11.80
C PHE B 40 -32.34 -1.14 11.51
N ALA B 41 -32.41 -2.45 11.71
CA ALA B 41 -33.59 -3.20 11.31
C ALA B 41 -33.74 -4.46 12.11
N ARG B 42 -34.96 -4.71 12.58
CA ARG B 42 -35.22 -5.93 13.32
C ARG B 42 -35.68 -7.02 12.36
N THR B 43 -35.54 -8.29 12.81
CA THR B 43 -35.95 -9.41 12.00
C THR B 43 -37.45 -9.36 11.70
N ASP B 44 -38.25 -8.91 12.66
CA ASP B 44 -39.68 -8.82 12.48
C ASP B 44 -40.10 -7.63 11.63
N GLY B 45 -39.16 -6.75 11.27
CA GLY B 45 -39.47 -5.64 10.39
C GLY B 45 -40.33 -4.55 10.99
N SER B 46 -40.49 -4.51 12.31
CA SER B 46 -41.29 -3.49 12.95
C SER B 46 -40.73 -2.10 12.70
N THR B 47 -41.62 -1.17 12.37
CA THR B 47 -41.27 0.24 12.32
C THR B 47 -41.76 1.01 13.54
N THR B 48 -42.26 0.31 14.56
CA THR B 48 -42.74 0.94 15.77
C THR B 48 -42.17 0.37 17.06
N ALA B 49 -41.37 -0.69 16.99
CA ALA B 49 -40.74 -1.24 18.19
C ALA B 49 -39.95 -0.16 18.91
N THR B 50 -40.17 -0.04 20.22
CA THR B 50 -39.62 1.04 21.00
C THR B 50 -38.10 1.00 21.02
N CYS B 51 -37.48 2.19 20.89
CA CYS B 51 -36.03 2.29 21.07
C CYS B 51 -35.73 3.69 21.63
N ASN B 52 -35.75 3.80 22.94
CA ASN B 52 -35.46 5.06 23.63
C ASN B 52 -33.95 5.10 23.84
N THR B 53 -33.27 5.95 23.06
CA THR B 53 -31.83 6.00 23.07
C THR B 53 -31.27 6.25 24.47
N ALA B 54 -31.99 7.04 25.28
CA ALA B 54 -31.49 7.30 26.63
C ALA B 54 -31.34 6.02 27.43
N ASP B 55 -32.11 4.98 27.11
CA ASP B 55 -32.09 3.76 27.89
C ASP B 55 -30.81 2.97 27.65
N GLN B 56 -30.16 3.20 26.50
CA GLN B 56 -28.87 2.59 26.19
C GLN B 56 -28.94 1.07 26.29
N LYS B 57 -30.01 0.51 25.81
CA LYS B 57 -30.23 -0.93 25.84
C LYS B 57 -30.36 -1.46 24.41
N TYR B 58 -30.09 -2.75 24.27
CA TYR B 58 -30.38 -3.42 23.00
C TYR B 58 -31.82 -3.12 22.62
N CYS B 59 -32.03 -2.72 21.38
CA CYS B 59 -33.35 -2.47 20.85
C CYS B 59 -33.82 -3.53 19.85
N GLY B 60 -32.97 -4.50 19.51
CA GLY B 60 -33.39 -5.67 18.76
C GLY B 60 -32.98 -5.77 17.29
N GLY B 61 -32.16 -4.85 16.79
CA GLY B 61 -31.74 -4.96 15.41
C GLY B 61 -30.84 -6.16 15.20
N THR B 62 -30.93 -6.77 14.01
CA THR B 62 -30.26 -8.03 13.76
C THR B 62 -29.64 -8.01 12.35
N TRP B 63 -28.74 -8.97 12.11
CA TRP B 63 -28.17 -9.15 10.77
C TRP B 63 -29.25 -9.47 9.73
N GLN B 64 -30.21 -10.33 10.10
CA GLN B 64 -31.29 -10.68 9.20
C GLN B 64 -32.13 -9.47 8.84
N GLY B 65 -32.35 -8.55 9.79
CA GLY B 65 -33.02 -7.31 9.45
C GLY B 65 -32.31 -6.54 8.38
N ILE B 66 -30.98 -6.47 8.46
CA ILE B 66 -30.22 -5.77 7.42
C ILE B 66 -30.57 -6.36 6.06
N ILE B 67 -30.47 -7.68 5.92
CA ILE B 67 -30.87 -8.37 4.70
C ILE B 67 -32.26 -7.93 4.26
N ASP B 68 -33.23 -7.95 5.19
CA ASP B 68 -34.60 -7.61 4.85
C ASP B 68 -34.71 -6.21 4.23
N LYS B 69 -33.76 -5.31 4.50
CA LYS B 69 -33.86 -3.90 4.09
C LYS B 69 -32.76 -3.50 3.11
N LEU B 70 -32.12 -4.46 2.42
CA LEU B 70 -31.07 -4.08 1.48
C LEU B 70 -31.62 -3.30 0.28
N ASP B 71 -32.88 -3.52 -0.11
CA ASP B 71 -33.44 -2.73 -1.20
C ASP B 71 -33.41 -1.25 -0.82
N TYR B 72 -33.75 -0.96 0.44
CA TYR B 72 -33.77 0.43 0.92
C TYR B 72 -32.38 1.04 0.80
N ILE B 73 -31.35 0.32 1.25
CA ILE B 73 -29.97 0.81 1.19
C ILE B 73 -29.51 0.97 -0.24
N GLN B 74 -29.74 -0.07 -1.06
CA GLN B 74 -29.22 -0.03 -2.42
C GLN B 74 -29.97 0.97 -3.27
N GLY B 75 -31.24 1.26 -2.94
CA GLY B 75 -31.95 2.29 -3.64
C GLY B 75 -31.36 3.67 -3.49
N MET B 76 -30.47 3.88 -2.51
CA MET B 76 -29.76 5.16 -2.38
C MET B 76 -28.47 5.17 -3.17
N GLY B 77 -28.15 4.08 -3.86
CA GLY B 77 -26.94 4.00 -4.66
C GLY B 77 -25.70 3.57 -3.91
N PHE B 78 -25.83 3.10 -2.68
CA PHE B 78 -24.71 2.57 -1.94
C PHE B 78 -24.29 1.24 -2.52
N THR B 79 -22.99 0.98 -2.46
CA THR B 79 -22.41 -0.27 -2.95
C THR B 79 -21.85 -1.14 -1.84
N ALA B 80 -21.98 -0.74 -0.58
CA ALA B 80 -21.37 -1.45 0.52
C ALA B 80 -22.00 -0.96 1.81
N ILE B 81 -21.90 -1.80 2.85
CA ILE B 81 -22.26 -1.44 4.21
C ILE B 81 -21.09 -1.67 5.16
N TRP B 82 -21.06 -0.86 6.23
CA TRP B 82 -20.18 -1.05 7.38
C TRP B 82 -21.10 -1.30 8.57
N ILE B 83 -20.97 -2.48 9.19
CA ILE B 83 -21.72 -2.86 10.36
C ILE B 83 -20.81 -2.82 11.59
N THR B 84 -21.43 -2.66 12.77
CA THR B 84 -20.71 -2.54 14.03
C THR B 84 -20.19 -3.92 14.45
N PRO B 85 -19.27 -3.97 15.43
CA PRO B 85 -18.59 -5.23 15.75
C PRO B 85 -19.52 -6.40 16.02
N VAL B 86 -19.00 -7.61 15.73
CA VAL B 86 -19.81 -8.83 15.70
C VAL B 86 -19.49 -9.79 16.84
N THR B 87 -18.41 -9.53 17.62
CA THR B 87 -18.00 -10.44 18.67
C THR B 87 -18.91 -10.38 19.88
N ALA B 88 -18.93 -11.46 20.62
CA ALA B 88 -19.70 -11.54 21.86
C ALA B 88 -19.21 -10.52 22.87
N GLN B 89 -20.15 -9.91 23.56
CA GLN B 89 -19.92 -8.75 24.41
C GLN B 89 -20.10 -9.10 25.88
N LEU B 90 -19.70 -8.16 26.74
CA LEU B 90 -20.07 -8.29 28.14
C LEU B 90 -21.59 -8.43 28.20
N PRO B 91 -22.12 -9.27 29.08
CA PRO B 91 -23.57 -9.53 29.10
C PRO B 91 -24.37 -8.53 29.87
N GLN B 92 -23.73 -7.75 30.75
CA GLN B 92 -24.46 -6.95 31.70
C GLN B 92 -25.10 -5.74 31.03
N THR B 93 -26.18 -5.28 31.65
CA THR B 93 -26.62 -3.89 31.47
C THR B 93 -25.80 -3.09 32.46
N THR B 94 -24.77 -2.40 31.96
CA THR B 94 -23.91 -1.59 32.82
C THR B 94 -24.60 -0.28 33.17
N ALA B 95 -23.95 0.50 34.07
CA ALA B 95 -24.49 1.79 34.43
C ALA B 95 -24.58 2.70 33.22
N TYR B 96 -23.86 2.35 32.14
CA TYR B 96 -23.91 3.05 30.87
C TYR B 96 -24.67 2.25 29.81
N GLY B 97 -25.44 1.27 30.22
CA GLY B 97 -26.26 0.52 29.31
C GLY B 97 -25.62 -0.80 28.86
N ASP B 98 -26.27 -1.37 27.86
CA ASP B 98 -25.86 -2.64 27.26
C ASP B 98 -24.76 -2.36 26.21
N ALA B 99 -24.04 -3.42 25.87
CA ALA B 99 -23.04 -3.38 24.78
C ALA B 99 -23.68 -3.44 23.40
N TYR B 100 -24.76 -2.69 23.19
CA TYR B 100 -25.52 -2.82 21.96
C TYR B 100 -24.73 -2.36 20.77
N HIS B 101 -23.71 -1.52 21.01
CA HIS B 101 -22.88 -0.96 19.97
C HIS B 101 -21.76 -1.86 19.54
N GLY B 102 -21.40 -2.88 20.33
CA GLY B 102 -20.40 -3.87 19.93
C GLY B 102 -18.96 -3.59 20.31
N TYR B 103 -18.67 -2.50 21.02
CA TYR B 103 -17.28 -2.14 21.30
C TYR B 103 -16.80 -2.60 22.69
N TRP B 104 -17.51 -3.51 23.35
CA TRP B 104 -17.20 -4.01 24.68
C TRP B 104 -17.13 -5.53 24.65
N GLN B 105 -16.21 -6.06 23.86
CA GLN B 105 -16.18 -7.50 23.61
C GLN B 105 -15.55 -8.24 24.78
N GLN B 106 -15.98 -9.50 24.95
CA GLN B 106 -15.35 -10.36 25.93
C GLN B 106 -14.90 -11.70 25.36
N ASP B 107 -15.58 -12.19 24.34
CA ASP B 107 -15.29 -13.52 23.79
C ASP B 107 -15.24 -13.40 22.26
N ILE B 108 -14.01 -13.31 21.73
CA ILE B 108 -13.83 -13.05 20.30
C ILE B 108 -14.05 -14.28 19.44
N TYR B 109 -14.23 -15.44 20.03
CA TYR B 109 -14.56 -16.65 19.29
C TYR B 109 -16.02 -17.04 19.42
N SER B 110 -16.88 -16.08 19.78
CA SER B 110 -18.33 -16.25 19.74
C SER B 110 -18.91 -14.97 19.15
N LEU B 111 -20.04 -15.09 18.46
CA LEU B 111 -20.73 -13.91 17.94
C LEU B 111 -21.69 -13.36 18.99
N ASN B 112 -22.11 -12.11 18.78
CA ASN B 112 -23.08 -11.49 19.66
C ASN B 112 -24.45 -12.03 19.29
N GLU B 113 -24.97 -12.91 20.13
CA GLU B 113 -26.23 -13.60 19.88
C GLU B 113 -27.40 -12.63 19.72
N ASN B 114 -27.24 -11.37 20.12
CA ASN B 114 -28.33 -10.41 19.94
C ASN B 114 -28.61 -10.17 18.47
N TYR B 115 -27.60 -10.27 17.62
CA TYR B 115 -27.77 -9.96 16.22
C TYR B 115 -28.10 -11.17 15.36
N GLY B 116 -27.94 -12.38 15.88
CA GLY B 116 -28.17 -13.58 15.14
C GLY B 116 -27.08 -14.58 15.39
N THR B 117 -26.92 -15.51 14.46
CA THR B 117 -25.92 -16.55 14.54
C THR B 117 -24.94 -16.41 13.38
N ALA B 118 -23.91 -17.25 13.40
CA ALA B 118 -22.94 -17.28 12.30
C ALA B 118 -23.61 -17.46 10.96
N ASP B 119 -24.70 -18.26 10.91
CA ASP B 119 -25.40 -18.47 9.64
C ASP B 119 -26.09 -17.19 9.18
N ASP B 120 -26.58 -16.37 10.13
CA ASP B 120 -27.14 -15.07 9.76
C ASP B 120 -26.05 -14.12 9.23
N LEU B 121 -24.90 -14.09 9.87
CA LEU B 121 -23.85 -13.21 9.41
C LEU B 121 -23.35 -13.62 8.03
N LYS B 122 -23.15 -14.93 7.81
CA LYS B 122 -22.79 -15.44 6.51
C LYS B 122 -23.88 -15.14 5.49
N ALA B 123 -25.15 -15.22 5.91
CA ALA B 123 -26.25 -14.91 5.00
C ALA B 123 -26.23 -13.44 4.59
N LEU B 124 -25.70 -12.59 5.44
CA LEU B 124 -25.65 -11.16 5.12
C LEU B 124 -24.55 -10.89 4.09
N SER B 125 -23.35 -11.46 4.30
CA SER B 125 -22.31 -11.36 3.30
C SER B 125 -22.81 -11.87 1.95
N SER B 126 -23.43 -13.03 1.94
CA SER B 126 -23.96 -13.59 0.70
C SER B 126 -25.00 -12.68 0.07
N ALA B 127 -25.92 -12.13 0.89
CA ALA B 127 -26.96 -11.30 0.31
C ALA B 127 -26.40 -10.02 -0.27
N LEU B 128 -25.36 -9.47 0.35
CA LEU B 128 -24.70 -8.32 -0.22
C LEU B 128 -24.01 -8.69 -1.53
N HIS B 129 -23.29 -9.82 -1.52
CA HIS B 129 -22.58 -10.24 -2.71
C HIS B 129 -23.55 -10.55 -3.85
N GLU B 130 -24.70 -11.11 -3.53
CA GLU B 130 -25.70 -11.36 -4.57
C GLU B 130 -26.10 -10.06 -5.23
N ARG B 131 -26.07 -8.93 -4.50
CA ARG B 131 -26.39 -7.61 -5.04
C ARG B 131 -25.18 -6.87 -5.60
N GLY B 132 -24.01 -7.49 -5.61
CA GLY B 132 -22.81 -6.80 -6.07
C GLY B 132 -22.27 -5.80 -5.08
N MET B 133 -22.71 -5.90 -3.81
CA MET B 133 -22.28 -5.00 -2.75
C MET B 133 -21.21 -5.66 -1.88
N TYR B 134 -20.53 -4.83 -1.10
CA TYR B 134 -19.48 -5.29 -0.21
C TYR B 134 -19.94 -5.20 1.25
N LEU B 135 -19.40 -6.10 2.06
CA LEU B 135 -19.59 -6.09 3.51
C LEU B 135 -18.27 -5.58 4.11
N MET B 136 -18.38 -4.54 4.94
CA MET B 136 -17.30 -4.09 5.82
C MET B 136 -17.72 -4.30 7.26
N VAL B 137 -16.85 -4.94 8.05
CA VAL B 137 -17.14 -5.22 9.47
C VAL B 137 -16.20 -4.39 10.33
N ASP B 138 -16.76 -3.79 11.39
CA ASP B 138 -16.02 -3.05 12.37
C ASP B 138 -15.33 -4.03 13.33
N VAL B 139 -14.05 -3.79 13.63
CA VAL B 139 -13.30 -4.67 14.51
C VAL B 139 -12.51 -3.86 15.53
N VAL B 140 -12.42 -4.39 16.74
CA VAL B 140 -11.67 -3.84 17.84
C VAL B 140 -10.54 -4.80 18.16
N ALA B 141 -9.32 -4.27 18.18
CA ALA B 141 -8.17 -4.98 18.68
C ALA B 141 -7.62 -4.37 19.97
N ASN B 142 -7.96 -3.12 20.27
CA ASN B 142 -7.33 -2.41 21.37
C ASN B 142 -7.73 -2.96 22.72
N HIS B 143 -8.99 -3.36 22.89
CA HIS B 143 -9.50 -3.58 24.22
C HIS B 143 -10.65 -4.59 24.24
N MET B 144 -10.88 -5.11 25.41
CA MET B 144 -12.11 -5.80 25.78
C MET B 144 -12.94 -4.84 26.61
N GLY B 145 -14.12 -5.27 27.04
CA GLY B 145 -14.97 -4.50 27.90
C GLY B 145 -15.26 -5.23 29.19
N TYR B 146 -15.53 -4.47 30.26
CA TYR B 146 -15.84 -5.04 31.55
C TYR B 146 -16.80 -4.15 32.33
N ASP B 147 -17.86 -4.74 32.88
CA ASP B 147 -18.79 -3.99 33.72
C ASP B 147 -18.14 -3.81 35.09
N GLY B 148 -17.55 -2.64 35.33
CA GLY B 148 -17.00 -2.33 36.64
C GLY B 148 -15.61 -1.73 36.55
N ALA B 149 -15.08 -1.44 37.77
CA ALA B 149 -13.79 -0.76 37.86
C ALA B 149 -12.64 -1.61 37.34
N GLY B 150 -11.58 -0.94 36.88
CA GLY B 150 -10.44 -1.65 36.33
C GLY B 150 -9.81 -2.60 37.32
N SER B 151 -9.70 -2.20 38.58
CA SER B 151 -9.12 -3.05 39.60
C SER B 151 -10.00 -4.24 39.94
N SER B 152 -11.26 -4.25 39.51
CA SER B 152 -12.18 -5.35 39.75
C SER B 152 -12.26 -6.32 38.59
N VAL B 153 -11.47 -6.10 37.52
CA VAL B 153 -11.63 -6.93 36.33
C VAL B 153 -11.28 -8.37 36.68
N ASP B 154 -12.13 -9.30 36.25
CA ASP B 154 -11.85 -10.74 36.32
C ASP B 154 -11.44 -11.11 34.90
N TYR B 155 -10.13 -11.27 34.68
CA TYR B 155 -9.62 -11.50 33.34
C TYR B 155 -9.98 -12.88 32.81
N SER B 156 -10.45 -13.79 33.69
CA SER B 156 -10.78 -15.14 33.25
C SER B 156 -12.03 -15.18 32.37
N VAL B 157 -12.80 -14.07 32.28
CA VAL B 157 -14.01 -14.06 31.48
C VAL B 157 -13.70 -13.78 30.03
N PHE B 158 -12.49 -13.29 29.74
CA PHE B 158 -12.10 -12.97 28.39
C PHE B 158 -11.61 -14.23 27.68
N LYS B 159 -12.05 -14.42 26.45
CA LYS B 159 -11.62 -15.51 25.61
C LYS B 159 -11.07 -14.97 24.29
N PRO B 160 -9.83 -15.30 23.92
CA PRO B 160 -8.91 -16.23 24.61
C PRO B 160 -7.97 -15.57 25.61
N PHE B 161 -8.07 -14.26 25.80
CA PHE B 161 -7.11 -13.51 26.60
C PHE B 161 -7.47 -13.57 28.08
N SER B 162 -7.53 -14.81 28.60
CA SER B 162 -8.07 -15.10 29.92
C SER B 162 -7.08 -14.88 31.05
N SER B 163 -6.19 -13.90 30.93
CA SER B 163 -5.20 -13.66 31.97
C SER B 163 -4.77 -12.20 31.92
N GLN B 164 -4.41 -11.68 33.10
CA GLN B 164 -3.92 -10.32 33.19
C GLN B 164 -2.62 -10.14 32.43
N ASP B 165 -1.89 -11.23 32.19
CA ASP B 165 -0.62 -11.14 31.47
C ASP B 165 -0.79 -10.59 30.07
N TYR B 166 -1.98 -10.67 29.48
CA TYR B 166 -2.20 -10.21 28.12
C TYR B 166 -2.49 -8.70 28.07
N PHE B 167 -2.63 -8.04 29.21
CA PHE B 167 -3.13 -6.68 29.29
C PHE B 167 -2.07 -5.72 29.83
N HIS B 168 -2.12 -4.48 29.33
CA HIS B 168 -1.38 -3.41 29.94
C HIS B 168 -1.82 -3.21 31.38
N PRO B 169 -0.89 -2.79 32.26
CA PRO B 169 -1.29 -2.47 33.63
C PRO B 169 -2.41 -1.42 33.65
N PHE B 170 -3.25 -1.49 34.67
CA PHE B 170 -4.41 -0.63 34.73
C PHE B 170 -3.96 0.82 34.94
N CYS B 171 -4.33 1.69 34.00
CA CYS B 171 -4.26 3.13 34.15
C CYS B 171 -5.29 3.71 33.19
N LEU B 172 -5.71 4.95 33.45
CA LEU B 172 -6.61 5.66 32.57
C LEU B 172 -5.82 6.71 31.80
N ILE B 173 -6.32 7.05 30.61
CA ILE B 173 -5.64 8.01 29.74
C ILE B 173 -5.96 9.41 30.27
N GLN B 174 -4.94 10.06 30.80
CA GLN B 174 -5.10 11.37 31.43
C GLN B 174 -4.68 12.52 30.52
N ASN B 175 -3.73 12.28 29.62
CA ASN B 175 -3.22 13.30 28.72
C ASN B 175 -3.18 12.70 27.32
N TYR B 176 -4.09 13.15 26.44
CA TYR B 176 -4.12 12.65 25.08
C TYR B 176 -3.00 13.18 24.20
N GLU B 177 -2.21 14.15 24.70
CA GLU B 177 -1.02 14.61 24.00
C GLU B 177 0.20 13.75 24.28
N ASP B 178 0.07 12.77 25.19
CA ASP B 178 1.15 11.83 25.53
C ASP B 178 0.83 10.52 24.79
N GLN B 179 1.50 10.30 23.64
CA GLN B 179 1.12 9.15 22.81
C GLN B 179 1.34 7.83 23.53
N THR B 180 2.30 7.78 24.48
CA THR B 180 2.51 6.56 25.24
C THR B 180 1.31 6.27 26.15
N GLN B 181 0.78 7.29 26.82
CA GLN B 181 -0.43 7.09 27.60
C GLN B 181 -1.58 6.64 26.70
N VAL B 182 -1.70 7.26 25.52
CA VAL B 182 -2.81 6.97 24.62
C VAL B 182 -2.81 5.50 24.24
N GLU B 183 -1.60 4.94 24.00
CA GLU B 183 -1.46 3.56 23.58
C GLU B 183 -1.47 2.58 24.73
N ASP B 184 -0.85 2.93 25.86
CA ASP B 184 -0.58 1.94 26.91
C ASP B 184 -1.57 1.99 28.05
N CYS B 185 -2.33 3.07 28.19
CA CYS B 185 -3.33 3.12 29.25
C CYS B 185 -4.70 2.73 28.70
N TRP B 186 -5.65 2.61 29.62
CA TRP B 186 -6.97 2.10 29.27
C TRP B 186 -7.94 3.21 28.87
N LEU B 187 -8.74 2.91 27.85
CA LEU B 187 -9.94 3.73 27.59
C LEU B 187 -10.99 3.46 28.68
N GLY B 188 -12.04 4.25 28.64
CA GLY B 188 -13.12 4.05 29.59
C GLY B 188 -12.80 4.65 30.95
N ASP B 189 -13.50 4.15 31.96
CA ASP B 189 -13.35 4.66 33.33
C ASP B 189 -13.55 3.50 34.29
N ASN B 190 -13.92 3.82 35.53
CA ASN B 190 -14.15 2.79 36.55
C ASN B 190 -15.61 2.36 36.64
N THR B 191 -16.47 2.88 35.75
CA THR B 191 -17.86 2.43 35.67
C THR B 191 -18.00 1.33 34.62
N VAL B 192 -17.50 1.57 33.42
CA VAL B 192 -17.29 0.54 32.41
C VAL B 192 -15.83 0.65 31.99
N SER B 193 -15.06 -0.39 32.29
CA SER B 193 -13.63 -0.37 31.99
C SER B 193 -13.39 -1.13 30.69
N LEU B 194 -12.29 -0.76 30.00
CA LEU B 194 -11.92 -1.32 28.70
C LEU B 194 -10.51 -1.89 28.79
N PRO B 195 -10.36 -3.09 29.36
CA PRO B 195 -9.02 -3.64 29.55
C PRO B 195 -8.21 -3.60 28.27
N ASP B 196 -7.05 -2.96 28.38
CA ASP B 196 -6.25 -2.59 27.21
C ASP B 196 -5.24 -3.71 26.92
N LEU B 197 -5.44 -4.42 25.82
CA LEU B 197 -4.54 -5.52 25.50
C LEU B 197 -3.13 -4.99 25.28
N ASP B 198 -2.13 -5.78 25.68
CA ASP B 198 -0.75 -5.41 25.37
C ASP B 198 -0.40 -5.86 23.97
N THR B 199 -0.68 -4.99 23.00
CA THR B 199 -0.47 -5.30 21.60
C THR B 199 1.00 -5.25 21.20
N THR B 200 1.91 -5.05 22.16
CA THR B 200 3.34 -5.22 21.87
C THR B 200 3.78 -6.68 22.02
N LYS B 201 2.94 -7.53 22.61
CA LYS B 201 3.31 -8.93 22.86
C LYS B 201 3.13 -9.78 21.61
N ASP B 202 4.13 -10.61 21.35
CA ASP B 202 4.04 -11.52 20.20
C ASP B 202 2.81 -12.40 20.30
N VAL B 203 2.46 -12.85 21.52
CA VAL B 203 1.33 -13.76 21.67
C VAL B 203 0.03 -13.03 21.36
N VAL B 204 -0.02 -11.73 21.67
CA VAL B 204 -1.23 -10.95 21.38
C VAL B 204 -1.31 -10.68 19.89
N LYS B 205 -0.19 -10.27 19.27
CA LYS B 205 -0.16 -10.10 17.84
C LYS B 205 -0.56 -11.37 17.13
N ASN B 206 0.12 -12.48 17.47
CA ASN B 206 -0.16 -13.70 16.73
C ASN B 206 -1.62 -14.08 16.84
N GLU B 207 -2.20 -13.94 18.03
CA GLU B 207 -3.61 -14.29 18.23
C GLU B 207 -4.51 -13.39 17.39
N TRP B 208 -4.31 -12.08 17.47
CA TRP B 208 -5.16 -11.18 16.70
C TRP B 208 -5.03 -11.44 15.21
N TYR B 209 -3.79 -11.59 14.72
CA TYR B 209 -3.58 -11.81 13.30
C TYR B 209 -4.26 -13.09 12.81
N ASP B 210 -4.14 -14.17 13.57
CA ASP B 210 -4.81 -15.39 13.17
C ASP B 210 -6.32 -15.20 13.19
N TRP B 211 -6.81 -14.47 14.21
CA TRP B 211 -8.25 -14.26 14.33
C TRP B 211 -8.80 -13.47 13.15
N VAL B 212 -8.17 -12.34 12.81
CA VAL B 212 -8.75 -11.47 11.78
C VAL B 212 -8.75 -12.18 10.45
N GLY B 213 -7.67 -12.92 10.14
CA GLY B 213 -7.63 -13.68 8.90
C GLY B 213 -8.73 -14.72 8.86
N SER B 214 -8.96 -15.40 10.00
CA SER B 214 -10.02 -16.38 10.09
C SER B 214 -11.39 -15.73 9.99
N LEU B 215 -11.59 -14.58 10.66
CA LEU B 215 -12.87 -13.90 10.57
C LEU B 215 -13.20 -13.55 9.13
N VAL B 216 -12.24 -12.96 8.42
CA VAL B 216 -12.49 -12.52 7.06
C VAL B 216 -12.83 -13.70 6.18
N SER B 217 -12.07 -14.79 6.32
CA SER B 217 -12.33 -15.98 5.53
C SER B 217 -13.64 -16.64 5.94
N ASN B 218 -13.88 -16.77 7.28
CA ASN B 218 -15.09 -17.37 7.84
C ASN B 218 -16.34 -16.78 7.18
N TYR B 219 -16.35 -15.44 6.99
CA TYR B 219 -17.59 -14.74 6.67
C TYR B 219 -17.54 -14.02 5.34
N SER B 220 -16.50 -14.21 4.55
CA SER B 220 -16.34 -13.60 3.24
C SER B 220 -16.50 -12.07 3.35
N ILE B 221 -15.78 -11.49 4.29
CA ILE B 221 -15.81 -10.06 4.51
C ILE B 221 -14.93 -9.40 3.45
N ASP B 222 -15.39 -8.25 2.92
CA ASP B 222 -14.67 -7.56 1.86
C ASP B 222 -13.74 -6.48 2.34
N GLY B 223 -13.98 -5.95 3.55
CA GLY B 223 -13.16 -4.89 4.11
C GLY B 223 -13.44 -4.78 5.58
N LEU B 224 -12.53 -4.07 6.28
CA LEU B 224 -12.66 -3.88 7.73
C LEU B 224 -12.55 -2.39 8.06
N ARG B 225 -13.35 -1.99 9.05
CA ARG B 225 -13.21 -0.70 9.70
C ARG B 225 -12.61 -1.01 11.06
N ILE B 226 -11.44 -0.44 11.34
CA ILE B 226 -10.70 -0.73 12.56
C ILE B 226 -10.91 0.35 13.60
N ASP B 227 -11.51 -0.02 14.71
CA ASP B 227 -11.78 0.90 15.82
C ASP B 227 -10.46 1.29 16.50
N THR B 228 -10.46 2.48 17.14
CA THR B 228 -9.48 2.84 18.18
C THR B 228 -8.03 2.63 17.73
N VAL B 229 -7.74 3.04 16.50
CA VAL B 229 -6.42 2.80 15.90
C VAL B 229 -5.33 3.58 16.60
N LYS B 230 -5.61 4.83 17.00
CA LYS B 230 -4.58 5.62 17.66
C LYS B 230 -4.20 5.10 19.03
N HIS B 231 -4.95 4.13 19.59
CA HIS B 231 -4.67 3.61 20.90
C HIS B 231 -3.83 2.35 20.85
N VAL B 232 -3.38 1.97 19.66
CA VAL B 232 -2.49 0.82 19.45
C VAL B 232 -1.24 1.31 18.71
N GLN B 233 -0.08 0.91 19.19
CA GLN B 233 1.16 1.38 18.58
C GLN B 233 1.16 1.00 17.12
N LYS B 234 1.77 1.86 16.28
CA LYS B 234 1.63 1.71 14.84
C LYS B 234 2.19 0.38 14.32
N ASP B 235 3.26 -0.14 14.95
CA ASP B 235 3.87 -1.38 14.43
C ASP B 235 2.95 -2.59 14.53
N PHE B 236 1.82 -2.49 15.23
CA PHE B 236 0.88 -3.61 15.27
C PHE B 236 0.10 -3.75 13.97
N TRP B 237 -0.17 -2.64 13.31
CA TRP B 237 -1.21 -2.61 12.30
C TRP B 237 -0.81 -3.26 10.98
N PRO B 238 0.45 -3.15 10.53
CA PRO B 238 0.78 -3.77 9.24
C PRO B 238 0.48 -5.24 9.21
N GLY B 239 0.93 -5.97 10.21
CA GLY B 239 0.67 -7.39 10.24
C GLY B 239 -0.81 -7.72 10.35
N TYR B 240 -1.59 -6.87 11.04
CA TYR B 240 -3.05 -7.05 11.10
C TYR B 240 -3.68 -6.82 9.73
N ASN B 241 -3.33 -5.72 9.08
CA ASN B 241 -3.85 -5.41 7.74
C ASN B 241 -3.45 -6.51 6.75
N LYS B 242 -2.23 -7.03 6.88
CA LYS B 242 -1.81 -8.08 5.94
C LYS B 242 -2.53 -9.39 6.22
N ALA B 243 -2.67 -9.76 7.49
CA ALA B 243 -3.36 -10.97 7.86
C ALA B 243 -4.83 -10.90 7.45
N ALA B 244 -5.43 -9.72 7.51
CA ALA B 244 -6.83 -9.58 7.11
C ALA B 244 -6.99 -9.86 5.63
N GLY B 245 -6.03 -9.46 4.83
CA GLY B 245 -6.05 -9.73 3.39
C GLY B 245 -7.03 -8.88 2.62
N VAL B 246 -7.55 -7.80 3.24
CA VAL B 246 -8.56 -6.94 2.64
C VAL B 246 -8.22 -5.50 3.01
N TYR B 247 -8.86 -4.59 2.30
CA TYR B 247 -8.78 -3.17 2.65
C TYR B 247 -9.25 -2.97 4.08
N CYS B 248 -8.47 -2.19 4.81
CA CYS B 248 -8.75 -1.80 6.19
C CYS B 248 -8.74 -0.27 6.27
N ILE B 249 -9.78 0.30 6.86
CA ILE B 249 -9.87 1.72 7.08
C ILE B 249 -9.98 1.93 8.60
N GLY B 250 -9.06 2.69 9.17
CA GLY B 250 -8.96 2.83 10.59
C GLY B 250 -9.58 4.10 11.12
N GLU B 251 -10.11 4.01 12.33
CA GLU B 251 -10.61 5.17 13.04
C GLU B 251 -9.44 5.76 13.81
N VAL B 252 -8.94 6.91 13.32
CA VAL B 252 -7.93 7.70 14.01
C VAL B 252 -8.65 8.99 14.40
N LEU B 253 -9.13 9.05 15.64
CA LEU B 253 -10.04 10.13 16.06
C LEU B 253 -9.23 11.36 16.38
N ASP B 254 -8.93 12.14 15.35
CA ASP B 254 -8.12 13.34 15.48
C ASP B 254 -8.21 14.16 14.20
N GLY B 255 -8.47 15.47 14.33
CA GLY B 255 -8.61 16.33 13.19
C GLY B 255 -7.35 16.90 12.61
N ASP B 256 -6.18 16.63 13.22
CA ASP B 256 -4.93 17.15 12.75
C ASP B 256 -4.38 16.21 11.70
N PRO B 257 -4.33 16.61 10.44
CA PRO B 257 -3.81 15.67 9.41
C PRO B 257 -2.36 15.22 9.65
N ALA B 258 -1.57 16.03 10.35
CA ALA B 258 -0.20 15.65 10.70
C ALA B 258 -0.14 14.49 11.67
N TYR B 259 -1.24 14.27 12.44
CA TYR B 259 -1.33 13.16 13.36
C TYR B 259 -2.01 11.97 12.71
N THR B 260 -3.07 12.22 11.93
CA THR B 260 -3.94 11.15 11.46
C THR B 260 -3.43 10.53 10.19
N CYS B 261 -2.94 11.32 9.27
CA CYS B 261 -2.51 10.76 7.99
C CYS B 261 -1.30 9.82 8.09
N PRO B 262 -0.35 10.01 9.04
CA PRO B 262 0.71 9.04 9.18
C PRO B 262 0.24 7.61 9.39
N TYR B 263 -1.00 7.43 9.92
CA TYR B 263 -1.51 6.07 10.08
C TYR B 263 -1.70 5.34 8.75
N GLN B 264 -1.83 6.06 7.65
CA GLN B 264 -1.90 5.49 6.32
C GLN B 264 -0.58 4.83 5.90
N ASN B 265 0.46 4.97 6.70
CA ASN B 265 1.71 4.29 6.44
C ASN B 265 1.76 2.90 7.09
N VAL B 266 0.77 2.56 7.92
CA VAL B 266 0.68 1.22 8.46
C VAL B 266 -0.65 0.57 8.15
N MET B 267 -1.63 1.30 7.57
CA MET B 267 -2.93 0.82 7.23
C MET B 267 -3.34 1.41 5.87
N ASP B 268 -4.22 0.70 5.17
CA ASP B 268 -4.61 1.11 3.83
C ASP B 268 -5.23 2.49 3.83
N GLY B 269 -6.20 2.70 4.72
CA GLY B 269 -6.88 3.99 4.79
C GLY B 269 -7.23 4.34 6.22
N VAL B 270 -7.67 5.60 6.39
CA VAL B 270 -8.19 6.09 7.66
C VAL B 270 -9.45 6.92 7.39
N LEU B 271 -10.30 7.01 8.41
CA LEU B 271 -11.46 7.88 8.32
C LEU B 271 -10.97 9.33 8.27
N ASN B 272 -11.63 10.12 7.44
CA ASN B 272 -11.17 11.48 7.19
C ASN B 272 -11.66 12.44 8.28
N TYR B 273 -11.20 12.21 9.49
CA TYR B 273 -11.45 13.17 10.56
C TYR B 273 -10.83 14.54 10.28
N PRO B 274 -9.71 14.66 9.56
CA PRO B 274 -9.22 16.00 9.23
C PRO B 274 -10.23 16.81 8.44
N ILE B 275 -10.94 16.20 7.48
CA ILE B 275 -11.95 16.96 6.71
C ILE B 275 -13.22 17.16 7.54
N TYR B 276 -13.52 16.24 8.43
CA TYR B 276 -14.80 16.26 9.18
C TYR B 276 -15.06 17.63 9.83
N TYR B 277 -14.14 18.07 10.69
CA TYR B 277 -14.32 19.33 11.43
C TYR B 277 -14.55 20.54 10.54
N PRO B 278 -13.72 20.83 9.53
CA PRO B 278 -14.03 22.00 8.68
C PRO B 278 -15.25 21.76 7.81
N LEU B 279 -15.51 20.51 7.42
CA LEU B 279 -16.70 20.23 6.63
C LEU B 279 -17.97 20.51 7.43
N LEU B 280 -18.07 19.99 8.63
CA LEU B 280 -19.18 20.28 9.51
C LEU B 280 -19.33 21.79 9.70
N ASN B 281 -18.22 22.45 10.04
CA ASN B 281 -18.28 23.90 10.32
C ASN B 281 -18.75 24.69 9.12
N ALA B 282 -18.32 24.29 7.91
CA ALA B 282 -18.62 25.06 6.73
C ALA B 282 -20.13 25.09 6.46
N PHE B 283 -20.82 23.98 6.75
CA PHE B 283 -22.21 23.81 6.37
C PHE B 283 -23.18 23.81 7.53
N LYS B 284 -22.72 23.80 8.78
CA LYS B 284 -23.68 23.72 9.89
C LYS B 284 -24.38 25.05 10.12
N SER B 285 -23.95 26.11 9.47
CA SER B 285 -24.67 27.38 9.59
C SER B 285 -24.33 28.24 8.39
N THR B 286 -25.16 29.26 8.15
CA THR B 286 -24.94 30.17 7.02
C THR B 286 -23.69 31.01 7.17
N SER B 287 -22.99 30.94 8.30
CA SER B 287 -21.76 31.69 8.51
C SER B 287 -20.53 30.79 8.56
N GLY B 288 -20.64 29.54 8.14
CA GLY B 288 -19.50 28.64 8.18
C GLY B 288 -18.38 29.09 7.26
N SER B 289 -17.16 28.62 7.59
CA SER B 289 -15.94 28.99 6.88
C SER B 289 -15.70 28.04 5.71
N MET B 290 -15.87 28.54 4.50
CA MET B 290 -15.47 27.78 3.33
C MET B 290 -13.95 27.73 3.18
N ASP B 291 -13.25 28.76 3.67
CA ASP B 291 -11.79 28.79 3.54
C ASP B 291 -11.17 27.61 4.26
N ASP B 292 -11.63 27.32 5.49
CA ASP B 292 -11.04 26.22 6.24
C ASP B 292 -11.24 24.89 5.53
N LEU B 293 -12.41 24.68 4.90
CA LEU B 293 -12.64 23.44 4.19
C LEU B 293 -11.80 23.38 2.91
N TYR B 294 -11.83 24.46 2.12
CA TYR B 294 -10.97 24.54 0.94
C TYR B 294 -9.52 24.19 1.31
N ASN B 295 -9.01 24.77 2.40
CA ASN B 295 -7.60 24.59 2.75
C ASN B 295 -7.33 23.16 3.20
N MET B 296 -8.25 22.57 3.94
CA MET B 296 -8.04 21.19 4.38
C MET B 296 -8.07 20.21 3.21
N ILE B 297 -8.98 20.43 2.25
CA ILE B 297 -9.00 19.53 1.08
C ILE B 297 -7.59 19.46 0.47
N ASN B 298 -6.99 20.61 0.27
CA ASN B 298 -5.66 20.67 -0.38
C ASN B 298 -4.57 20.15 0.54
N THR B 299 -4.71 20.35 1.86
CA THR B 299 -3.71 19.81 2.77
C THR B 299 -3.76 18.29 2.75
N VAL B 300 -4.97 17.72 2.83
CA VAL B 300 -5.08 16.27 2.77
C VAL B 300 -4.59 15.73 1.44
N LYS B 301 -4.94 16.42 0.36
CA LYS B 301 -4.56 15.93 -0.96
C LYS B 301 -3.05 15.82 -1.09
N SER B 302 -2.31 16.78 -0.53
N SER B 302 -2.32 16.78 -0.53
CA SER B 302 -0.87 16.82 -0.69
CA SER B 302 -0.87 16.88 -0.66
C SER B 302 -0.12 16.10 0.43
C SER B 302 -0.14 16.10 0.42
N ASP B 303 -0.64 16.11 1.65
CA ASP B 303 0.11 15.58 2.78
C ASP B 303 -0.25 14.15 3.14
N CYS B 304 -1.48 13.71 2.92
CA CYS B 304 -1.80 12.34 3.28
C CYS B 304 -1.34 11.40 2.17
N PRO B 305 -0.93 10.17 2.53
CA PRO B 305 -0.44 9.24 1.49
C PRO B 305 -1.39 9.05 0.34
N ASP B 306 -2.68 8.90 0.61
CA ASP B 306 -3.65 8.76 -0.49
C ASP B 306 -5.04 9.21 -0.05
N SER B 307 -5.38 10.45 -0.37
CA SER B 307 -6.71 10.93 -0.09
C SER B 307 -7.83 10.06 -0.63
N THR B 308 -7.58 9.36 -1.73
CA THR B 308 -8.62 8.55 -2.37
C THR B 308 -8.90 7.23 -1.66
N LEU B 309 -8.18 6.94 -0.60
CA LEU B 309 -8.38 5.76 0.24
C LEU B 309 -8.84 6.16 1.64
N LEU B 310 -9.21 7.43 1.85
CA LEU B 310 -9.81 7.87 3.11
C LEU B 310 -11.34 7.75 2.99
N GLY B 311 -12.03 7.77 4.11
CA GLY B 311 -13.49 7.76 4.13
C GLY B 311 -14.03 9.12 4.57
N THR B 312 -14.91 9.68 3.74
CA THR B 312 -15.44 11.03 3.95
C THR B 312 -16.79 10.89 4.66
N PHE B 313 -16.94 11.67 5.73
CA PHE B 313 -18.17 11.60 6.51
C PHE B 313 -18.41 12.97 7.15
N VAL B 314 -19.67 13.23 7.47
CA VAL B 314 -19.99 14.37 8.33
C VAL B 314 -20.84 13.96 9.52
N GLU B 315 -21.14 12.68 9.67
CA GLU B 315 -22.07 12.18 10.65
C GLU B 315 -21.69 10.77 11.05
N ASN B 316 -21.68 10.50 12.33
CA ASN B 316 -21.37 9.16 12.83
C ASN B 316 -21.97 9.00 14.24
N HIS B 317 -21.65 7.88 14.89
CA HIS B 317 -22.21 7.55 16.20
C HIS B 317 -21.38 8.13 17.34
N ASP B 318 -20.32 8.90 17.05
CA ASP B 318 -19.45 9.46 18.06
C ASP B 318 -19.47 10.97 18.11
N ASN B 319 -20.39 11.58 17.39
CA ASN B 319 -20.51 13.05 17.38
C ASN B 319 -21.97 13.42 17.18
N PRO B 320 -22.36 14.66 17.48
CA PRO B 320 -23.75 15.03 17.23
C PRO B 320 -24.07 14.93 15.73
N ARG B 321 -25.31 14.56 15.43
CA ARG B 321 -25.67 14.40 14.04
C ARG B 321 -25.69 15.78 13.39
N PHE B 322 -25.52 15.80 12.06
CA PHE B 322 -25.52 17.07 11.35
C PHE B 322 -26.76 17.91 11.71
N ALA B 323 -27.95 17.28 11.67
CA ALA B 323 -29.20 18.00 11.90
C ALA B 323 -29.40 18.43 13.35
N SER B 324 -28.55 17.95 14.26
CA SER B 324 -28.59 18.50 15.62
C SER B 324 -28.07 19.94 15.65
N TYR B 325 -27.26 20.32 14.70
CA TYR B 325 -26.76 21.67 14.58
C TYR B 325 -27.74 22.55 13.84
N THR B 326 -28.42 22.01 12.82
CA THR B 326 -29.35 22.81 12.05
C THR B 326 -30.29 21.89 11.30
N ASN B 327 -31.53 22.25 11.28
CA ASN B 327 -32.51 21.46 10.52
C ASN B 327 -32.68 21.95 9.09
N ASP B 328 -31.82 22.86 8.63
CA ASP B 328 -31.97 23.39 7.29
C ASP B 328 -31.68 22.27 6.29
N ILE B 329 -32.67 21.97 5.44
CA ILE B 329 -32.55 20.82 4.54
C ILE B 329 -31.53 21.09 3.44
N ALA B 330 -31.42 22.35 3.01
CA ALA B 330 -30.43 22.66 1.98
C ALA B 330 -29.01 22.40 2.50
N LEU B 331 -28.72 22.88 3.72
CA LEU B 331 -27.38 22.64 4.28
C LEU B 331 -27.11 21.15 4.36
N ALA B 332 -28.14 20.34 4.71
CA ALA B 332 -27.95 18.88 4.80
C ALA B 332 -27.70 18.27 3.43
N LYS B 333 -28.37 18.78 2.40
CA LYS B 333 -28.14 18.29 1.04
C LYS B 333 -26.74 18.60 0.60
N ASN B 334 -26.24 19.82 0.91
CA ASN B 334 -24.87 20.18 0.49
C ASN B 334 -23.85 19.27 1.14
N VAL B 335 -23.94 19.07 2.46
CA VAL B 335 -22.94 18.26 3.14
C VAL B 335 -22.99 16.80 2.67
N ALA B 336 -24.19 16.29 2.43
CA ALA B 336 -24.29 14.95 1.86
C ALA B 336 -23.68 14.90 0.47
N ALA B 337 -23.91 15.93 -0.36
CA ALA B 337 -23.33 15.94 -1.71
C ALA B 337 -21.81 16.00 -1.66
N PHE B 338 -21.25 16.77 -0.69
CA PHE B 338 -19.79 16.80 -0.56
C PHE B 338 -19.24 15.44 -0.20
N ILE B 339 -19.87 14.76 0.77
CA ILE B 339 -19.39 13.45 1.23
C ILE B 339 -19.30 12.49 0.06
N ILE B 340 -20.28 12.53 -0.83
CA ILE B 340 -20.34 11.56 -1.94
C ILE B 340 -19.33 11.94 -3.03
N LEU B 341 -19.07 13.22 -3.25
CA LEU B 341 -18.27 13.62 -4.40
C LEU B 341 -16.82 13.92 -4.05
N ASN B 342 -16.46 13.91 -2.76
CA ASN B 342 -15.07 14.17 -2.37
C ASN B 342 -14.19 12.95 -2.72
N ASP B 343 -12.86 13.19 -2.70
CA ASP B 343 -11.94 12.07 -2.78
C ASP B 343 -12.28 11.03 -1.72
N GLY B 344 -12.05 9.76 -2.08
CA GLY B 344 -12.21 8.68 -1.14
C GLY B 344 -13.57 8.03 -1.18
N ILE B 345 -13.86 7.28 -0.11
CA ILE B 345 -15.06 6.45 -0.05
C ILE B 345 -16.11 7.24 0.70
N PRO B 346 -17.26 7.52 0.12
CA PRO B 346 -18.31 8.20 0.88
C PRO B 346 -18.80 7.31 2.00
N ILE B 347 -19.10 7.90 3.16
CA ILE B 347 -19.67 7.16 4.27
C ILE B 347 -20.83 7.96 4.85
N ILE B 348 -22.03 7.43 4.71
CA ILE B 348 -23.27 7.97 5.26
C ILE B 348 -23.71 7.10 6.42
N TYR B 349 -24.08 7.74 7.53
CA TYR B 349 -24.50 7.05 8.74
C TYR B 349 -26.02 6.92 8.79
N ALA B 350 -26.49 5.67 8.89
CA ALA B 350 -27.89 5.32 8.88
C ALA B 350 -28.66 6.30 9.73
N GLY B 351 -29.71 6.87 9.14
CA GLY B 351 -30.49 7.93 9.76
C GLY B 351 -30.19 9.30 9.20
N GLN B 352 -28.97 9.51 8.72
CA GLN B 352 -28.67 10.79 8.10
C GLN B 352 -29.61 11.06 6.93
N GLU B 353 -29.97 10.02 6.17
CA GLU B 353 -30.83 10.17 5.01
C GLU B 353 -32.27 10.44 5.42
N GLN B 354 -32.59 10.27 6.70
CA GLN B 354 -33.91 10.61 7.22
C GLN B 354 -33.82 11.83 8.10
N HIS B 355 -32.71 12.56 8.03
CA HIS B 355 -32.59 13.87 8.67
C HIS B 355 -32.62 13.75 10.19
N TYR B 356 -32.10 12.64 10.71
CA TYR B 356 -32.05 12.44 12.15
C TYR B 356 -31.21 13.51 12.81
N ALA B 357 -31.66 13.92 14.03
CA ALA B 357 -31.09 15.12 14.67
C ALA B 357 -30.55 14.85 16.07
N GLY B 358 -30.25 13.59 16.41
CA GLY B 358 -29.73 13.33 17.72
C GLY B 358 -28.37 13.91 17.96
N GLY B 359 -28.12 14.34 19.21
CA GLY B 359 -26.85 14.85 19.64
C GLY B 359 -25.91 13.75 20.07
N ASN B 360 -25.03 14.05 21.02
CA ASN B 360 -23.99 13.11 21.40
C ASN B 360 -24.57 11.83 21.99
N ASP B 361 -23.79 10.75 21.82
CA ASP B 361 -23.98 9.44 22.42
C ASP B 361 -24.63 9.59 23.79
N PRO B 362 -25.79 8.98 24.00
CA PRO B 362 -26.44 7.99 23.13
C PRO B 362 -27.45 8.54 22.14
N ALA B 363 -27.61 9.88 22.07
CA ALA B 363 -28.72 10.43 21.32
C ALA B 363 -28.58 10.20 19.83
N ASN B 364 -27.36 9.99 19.33
CA ASN B 364 -27.10 9.78 17.93
C ASN B 364 -27.22 8.31 17.53
N ARG B 365 -27.76 7.45 18.38
CA ARG B 365 -27.93 6.03 18.08
C ARG B 365 -29.37 5.66 17.83
N GLU B 366 -30.11 6.59 17.23
CA GLU B 366 -31.54 6.36 16.98
C GLU B 366 -31.74 5.15 16.05
N ALA B 367 -32.86 4.46 16.25
CA ALA B 367 -33.24 3.33 15.42
C ALA B 367 -33.76 3.83 14.08
N THR B 368 -33.15 3.32 12.99
CA THR B 368 -33.57 3.70 11.67
C THR B 368 -35.00 3.28 11.36
N TRP B 369 -35.47 2.18 11.94
CA TRP B 369 -36.78 1.67 11.63
C TRP B 369 -37.89 2.59 12.11
N LEU B 370 -37.63 3.41 13.14
CA LEU B 370 -38.66 4.35 13.56
C LEU B 370 -38.97 5.43 12.53
N SER B 371 -38.15 5.58 11.49
CA SER B 371 -38.45 6.51 10.41
C SER B 371 -39.51 5.96 9.45
N GLY B 372 -39.75 4.63 9.48
CA GLY B 372 -40.54 4.00 8.47
C GLY B 372 -39.80 3.70 7.17
N TYR B 373 -38.57 4.10 7.09
CA TYR B 373 -37.73 3.86 5.92
C TYR B 373 -38.34 4.47 4.64
N PRO B 374 -38.88 5.69 4.68
CA PRO B 374 -39.46 6.25 3.43
C PRO B 374 -38.37 6.47 2.40
N THR B 375 -38.64 6.05 1.19
CA THR B 375 -37.68 6.18 0.08
C THR B 375 -37.88 7.47 -0.72
N ASP B 376 -38.79 8.34 -0.28
CA ASP B 376 -39.05 9.62 -0.93
C ASP B 376 -38.72 10.81 -0.04
N SER B 377 -37.93 10.61 1.00
CA SER B 377 -37.51 11.73 1.82
C SER B 377 -36.52 12.57 1.03
N GLU B 378 -36.40 13.83 1.44
CA GLU B 378 -35.59 14.76 0.68
C GLU B 378 -34.15 14.28 0.61
N LEU B 379 -33.61 13.80 1.71
CA LEU B 379 -32.20 13.39 1.68
C LEU B 379 -31.99 12.02 1.06
N TYR B 380 -32.99 11.15 1.13
CA TYR B 380 -32.89 9.88 0.40
C TYR B 380 -32.74 10.17 -1.09
N LYS B 381 -33.56 11.09 -1.62
CA LYS B 381 -33.51 11.41 -3.03
C LYS B 381 -32.19 12.10 -3.39
N LEU B 382 -31.73 13.03 -2.52
CA LEU B 382 -30.47 13.70 -2.78
C LEU B 382 -29.32 12.70 -2.84
N ILE B 383 -29.21 11.86 -1.84
CA ILE B 383 -28.16 10.85 -1.76
C ILE B 383 -28.24 9.91 -2.96
N ALA B 384 -29.46 9.47 -3.31
CA ALA B 384 -29.62 8.64 -4.52
C ALA B 384 -29.07 9.35 -5.75
N SER B 385 -29.42 10.64 -5.95
CA SER B 385 -28.95 11.34 -7.14
C SER B 385 -27.44 11.48 -7.14
N ALA B 386 -26.85 11.82 -5.97
CA ALA B 386 -25.41 12.00 -5.88
C ALA B 386 -24.66 10.70 -6.13
N ASN B 387 -25.07 9.62 -5.47
CA ASN B 387 -24.47 8.30 -5.71
C ASN B 387 -24.68 7.88 -7.15
N ALA B 388 -25.85 8.22 -7.71
CA ALA B 388 -26.12 7.79 -9.09
C ALA B 388 -25.09 8.37 -10.05
N ILE B 389 -24.78 9.66 -9.89
CA ILE B 389 -23.86 10.27 -10.83
C ILE B 389 -22.43 9.80 -10.55
N ARG B 390 -22.08 9.62 -9.27
CA ARG B 390 -20.76 9.08 -8.96
C ARG B 390 -20.60 7.68 -9.53
N ASN B 391 -21.59 6.83 -9.31
CA ASN B 391 -21.49 5.46 -9.81
C ASN B 391 -21.39 5.46 -11.34
N TYR B 392 -22.22 6.27 -11.99
CA TYR B 392 -22.20 6.32 -13.46
C TYR B 392 -20.88 6.85 -13.97
N ALA B 393 -20.43 7.99 -13.42
CA ALA B 393 -19.15 8.57 -13.84
C ALA B 393 -18.00 7.59 -13.68
N ILE B 394 -17.96 6.84 -12.58
CA ILE B 394 -16.93 5.82 -12.40
C ILE B 394 -17.04 4.76 -13.49
N SER B 395 -18.28 4.37 -13.83
CA SER B 395 -18.43 3.33 -14.85
C SER B 395 -17.91 3.78 -16.21
N LYS B 396 -17.78 5.09 -16.45
CA LYS B 396 -17.32 5.60 -17.74
C LYS B 396 -15.94 6.21 -17.70
N ASP B 397 -15.33 6.34 -16.52
CA ASP B 397 -14.04 7.03 -16.37
C ASP B 397 -13.20 6.27 -15.34
N THR B 398 -12.33 5.39 -15.83
CA THR B 398 -11.45 4.63 -14.96
C THR B 398 -10.52 5.52 -14.16
N GLY B 399 -10.40 6.79 -14.50
CA GLY B 399 -9.53 7.70 -13.79
C GLY B 399 -10.24 8.50 -12.71
N PHE B 400 -11.54 8.35 -12.58
CA PHE B 400 -12.26 9.20 -11.63
C PHE B 400 -11.78 8.98 -10.20
N VAL B 401 -11.70 7.71 -9.77
CA VAL B 401 -11.44 7.48 -8.36
C VAL B 401 -9.99 7.83 -7.97
N THR B 402 -9.07 7.90 -8.91
CA THR B 402 -7.70 8.31 -8.60
C THR B 402 -7.41 9.77 -8.93
N TYR B 403 -8.35 10.46 -9.58
CA TYR B 403 -8.21 11.88 -9.83
C TYR B 403 -8.44 12.62 -8.54
N LYS B 404 -7.41 13.32 -8.06
CA LYS B 404 -7.50 14.01 -6.78
C LYS B 404 -8.45 15.22 -6.88
N ASN B 405 -9.49 15.22 -6.05
CA ASN B 405 -10.43 16.32 -6.00
C ASN B 405 -9.72 17.67 -5.93
N TRP B 406 -10.18 18.59 -6.75
CA TRP B 406 -9.52 19.87 -6.95
C TRP B 406 -10.49 21.00 -6.62
N PRO B 407 -10.29 21.70 -5.50
CA PRO B 407 -11.08 22.91 -5.23
C PRO B 407 -10.68 24.00 -6.22
N ILE B 408 -11.67 24.52 -6.93
CA ILE B 408 -11.44 25.50 -7.99
C ILE B 408 -11.95 26.89 -7.66
N TYR B 409 -12.79 27.01 -6.62
CA TYR B 409 -13.39 28.32 -6.33
C TYR B 409 -13.94 28.29 -4.91
N LYS B 410 -13.86 29.43 -4.25
CA LYS B 410 -14.51 29.61 -2.97
C LYS B 410 -14.85 31.09 -2.80
N ASP B 411 -15.89 31.34 -2.01
CA ASP B 411 -16.21 32.68 -1.51
C ASP B 411 -16.81 32.49 -0.11
N ASP B 412 -17.40 33.54 0.43
CA ASP B 412 -17.88 33.48 1.80
C ASP B 412 -18.93 32.38 1.98
N THR B 413 -19.67 32.02 0.92
CA THR B 413 -20.78 31.09 1.05
C THR B 413 -20.72 29.92 0.06
N THR B 414 -19.61 29.75 -0.66
CA THR B 414 -19.57 28.85 -1.79
C THR B 414 -18.21 28.16 -1.85
N ILE B 415 -18.24 26.90 -2.25
CA ILE B 415 -17.04 26.17 -2.63
C ILE B 415 -17.36 25.33 -3.86
N ALA B 416 -16.47 25.35 -4.84
CA ALA B 416 -16.62 24.56 -6.06
C ALA B 416 -15.39 23.68 -6.25
N MET B 417 -15.64 22.44 -6.67
CA MET B 417 -14.56 21.46 -6.83
C MET B 417 -14.77 20.61 -8.08
N ARG B 418 -13.67 20.02 -8.55
CA ARG B 418 -13.63 19.36 -9.84
C ARG B 418 -12.96 18.00 -9.68
N LYS B 419 -13.54 16.98 -10.31
CA LYS B 419 -13.01 15.64 -10.15
C LYS B 419 -13.41 14.81 -11.36
N GLY B 420 -12.43 14.14 -11.95
CA GLY B 420 -12.66 13.32 -13.13
C GLY B 420 -11.76 13.73 -14.26
N THR B 421 -11.48 12.77 -15.12
CA THR B 421 -10.67 13.01 -16.31
C THR B 421 -11.26 14.11 -17.19
N ASP B 422 -10.38 14.95 -17.74
CA ASP B 422 -10.83 16.03 -18.62
C ASP B 422 -11.80 15.48 -19.67
N GLY B 423 -12.88 16.21 -19.90
CA GLY B 423 -13.94 15.77 -20.78
C GLY B 423 -15.06 15.03 -20.07
N SER B 424 -14.78 14.50 -18.89
CA SER B 424 -15.70 13.68 -18.14
C SER B 424 -15.82 14.10 -16.68
N GLN B 425 -15.33 15.29 -16.33
CA GLN B 425 -15.25 15.68 -14.92
C GLN B 425 -16.62 16.06 -14.38
N ILE B 426 -16.81 15.75 -13.11
CA ILE B 426 -17.95 16.26 -12.34
C ILE B 426 -17.48 17.56 -11.70
N VAL B 427 -18.24 18.65 -11.90
CA VAL B 427 -17.96 19.92 -11.27
C VAL B 427 -19.11 20.20 -10.30
N THR B 428 -18.78 20.35 -9.03
CA THR B 428 -19.75 20.46 -7.95
C THR B 428 -19.60 21.83 -7.32
N ILE B 429 -20.71 22.52 -7.16
CA ILE B 429 -20.80 23.82 -6.52
C ILE B 429 -21.69 23.66 -5.29
N LEU B 430 -21.13 23.89 -4.12
CA LEU B 430 -21.83 23.78 -2.85
C LEU B 430 -21.93 25.13 -2.14
N SER B 431 -22.95 25.27 -1.30
CA SER B 431 -23.29 26.56 -0.75
C SER B 431 -23.79 26.37 0.66
N ASN B 432 -23.56 27.36 1.52
CA ASN B 432 -24.12 27.35 2.86
C ASN B 432 -25.14 28.47 3.06
N LYS B 433 -25.68 29.03 1.97
CA LYS B 433 -26.71 30.06 2.10
C LYS B 433 -28.00 29.52 2.69
N GLY B 434 -28.21 28.20 2.66
CA GLY B 434 -29.39 27.63 3.28
C GLY B 434 -30.62 27.65 2.40
N ALA B 435 -31.73 27.16 2.98
CA ALA B 435 -32.92 26.84 2.15
C ALA B 435 -33.62 28.10 1.64
N SER B 436 -33.35 29.23 2.26
CA SER B 436 -33.89 30.52 1.86
C SER B 436 -32.87 31.32 1.07
N GLY B 437 -31.82 30.66 0.58
CA GLY B 437 -30.75 31.37 -0.12
C GLY B 437 -31.25 32.10 -1.35
N ASP B 438 -30.72 33.31 -1.54
CA ASP B 438 -31.13 34.15 -2.66
C ASP B 438 -30.68 33.56 -3.98
N SER B 439 -31.30 34.04 -5.05
CA SER B 439 -31.02 33.61 -6.41
C SER B 439 -30.02 34.54 -7.08
N TYR B 440 -29.04 33.97 -7.73
CA TYR B 440 -28.06 34.71 -8.49
C TYR B 440 -27.36 33.75 -9.44
N THR B 441 -26.48 34.29 -10.27
CA THR B 441 -25.68 33.49 -11.18
C THR B 441 -24.22 33.61 -10.76
N LEU B 442 -23.55 32.46 -10.64
CA LEU B 442 -22.15 32.41 -10.31
C LEU B 442 -21.39 32.10 -11.61
N SER B 443 -20.53 33.02 -12.01
CA SER B 443 -19.68 32.79 -13.17
C SER B 443 -18.48 31.97 -12.68
N LEU B 444 -18.49 30.67 -12.99
CA LEU B 444 -17.50 29.75 -12.49
C LEU B 444 -16.41 29.53 -13.52
N SER B 445 -15.20 29.94 -13.17
CA SER B 445 -14.02 29.70 -13.99
C SER B 445 -13.22 28.51 -13.46
N GLY B 446 -12.50 27.85 -14.36
CA GLY B 446 -11.64 26.75 -13.99
C GLY B 446 -12.30 25.39 -14.00
N ALA B 447 -13.54 25.30 -14.50
CA ALA B 447 -14.24 24.03 -14.54
C ALA B 447 -13.70 23.09 -15.61
N GLY B 448 -13.07 23.62 -16.65
CA GLY B 448 -12.43 22.80 -17.65
C GLY B 448 -13.30 22.36 -18.80
N TYR B 449 -14.55 22.78 -18.86
CA TYR B 449 -15.41 22.47 -19.97
C TYR B 449 -15.18 23.47 -21.10
N THR B 450 -15.52 23.03 -22.32
CA THR B 450 -15.33 23.86 -23.50
C THR B 450 -16.50 24.83 -23.65
N ALA B 451 -16.19 26.01 -24.19
CA ALA B 451 -17.23 27.00 -24.46
C ALA B 451 -18.34 26.38 -25.29
N GLY B 452 -19.58 26.62 -24.89
CA GLY B 452 -20.74 26.11 -25.58
C GLY B 452 -21.13 24.69 -25.24
N GLN B 453 -20.30 23.96 -24.49
CA GLN B 453 -20.65 22.61 -24.09
C GLN B 453 -21.91 22.62 -23.21
N GLN B 454 -22.80 21.65 -23.46
CA GLN B 454 -24.02 21.52 -22.68
C GLN B 454 -23.79 20.60 -21.48
N LEU B 455 -24.12 21.09 -20.30
CA LEU B 455 -23.96 20.34 -19.06
C LEU B 455 -25.34 20.09 -18.48
N THR B 456 -25.45 19.02 -17.70
CA THR B 456 -26.65 18.72 -16.93
C THR B 456 -26.33 18.93 -15.45
N GLU B 457 -27.22 19.63 -14.76
CA GLU B 457 -27.21 19.73 -13.28
C GLU B 457 -28.03 18.56 -12.77
N VAL B 458 -27.35 17.53 -12.27
CA VAL B 458 -27.95 16.22 -12.08
C VAL B 458 -28.73 16.10 -10.78
N ILE B 459 -28.63 17.09 -9.89
CA ILE B 459 -29.46 17.04 -8.70
C ILE B 459 -30.85 17.52 -9.02
N GLY B 460 -30.97 18.70 -9.62
CA GLY B 460 -32.23 19.27 -10.02
C GLY B 460 -32.69 18.93 -11.41
N CYS B 461 -31.84 18.26 -12.19
CA CYS B 461 -32.17 17.82 -13.54
C CYS B 461 -32.57 19.00 -14.44
N THR B 462 -31.68 19.98 -14.51
CA THR B 462 -31.75 21.05 -15.47
C THR B 462 -30.47 21.02 -16.31
N THR B 463 -30.40 21.91 -17.29
CA THR B 463 -29.23 21.99 -18.17
C THR B 463 -28.62 23.37 -18.09
N VAL B 464 -27.29 23.42 -18.20
CA VAL B 464 -26.55 24.68 -18.22
C VAL B 464 -25.60 24.60 -19.40
N THR B 465 -25.43 25.73 -20.09
CA THR B 465 -24.51 25.81 -21.22
C THR B 465 -23.30 26.67 -20.86
N VAL B 466 -22.11 26.13 -21.11
CA VAL B 466 -20.88 26.86 -20.81
C VAL B 466 -20.83 28.10 -21.69
N GLY B 467 -20.39 29.21 -21.09
CA GLY B 467 -20.39 30.47 -21.79
C GLY B 467 -19.36 30.51 -22.91
N SER B 468 -19.53 31.50 -23.80
CA SER B 468 -18.59 31.66 -24.90
C SER B 468 -17.18 31.98 -24.40
N ASP B 469 -17.07 32.51 -23.18
CA ASP B 469 -15.79 32.83 -22.56
C ASP B 469 -15.19 31.67 -21.79
N GLY B 470 -15.79 30.49 -21.88
CA GLY B 470 -15.31 29.34 -21.15
C GLY B 470 -15.78 29.25 -19.70
N ASN B 471 -16.54 30.24 -19.22
CA ASN B 471 -17.06 30.20 -17.88
C ASN B 471 -18.42 29.52 -17.87
N VAL B 472 -18.76 28.90 -16.74
CA VAL B 472 -20.05 28.26 -16.55
C VAL B 472 -20.94 29.23 -15.80
N PRO B 473 -22.10 29.62 -16.35
CA PRO B 473 -23.04 30.45 -15.58
C PRO B 473 -23.89 29.57 -14.69
N VAL B 474 -23.49 29.37 -13.45
CA VAL B 474 -24.17 28.43 -12.55
C VAL B 474 -25.36 29.11 -11.89
N PRO B 475 -26.60 28.72 -12.17
CA PRO B 475 -27.75 29.28 -11.42
C PRO B 475 -27.64 28.83 -9.98
N MET B 476 -27.71 29.80 -9.07
CA MET B 476 -27.70 29.50 -7.63
C MET B 476 -29.03 29.96 -7.06
N ALA B 477 -29.62 29.11 -6.22
CA ALA B 477 -30.91 29.38 -5.61
C ALA B 477 -31.21 28.42 -4.48
N GLY B 478 -31.85 28.94 -3.43
CA GLY B 478 -32.25 28.12 -2.32
C GLY B 478 -31.10 27.35 -1.70
N GLY B 479 -29.87 27.86 -1.84
CA GLY B 479 -28.73 27.20 -1.23
C GLY B 479 -28.55 25.79 -1.69
N LEU B 480 -29.05 25.48 -2.90
CA LEU B 480 -29.01 24.09 -3.37
C LEU B 480 -27.62 23.74 -3.88
N PRO B 481 -27.17 22.50 -3.65
CA PRO B 481 -25.94 22.03 -4.30
C PRO B 481 -26.20 21.82 -5.78
N ARG B 482 -25.18 22.09 -6.58
CA ARG B 482 -25.26 21.94 -8.03
C ARG B 482 -24.16 20.98 -8.45
N VAL B 483 -24.52 19.95 -9.25
CA VAL B 483 -23.58 18.90 -9.65
C VAL B 483 -23.62 18.77 -11.18
N LEU B 484 -22.56 19.16 -11.84
CA LEU B 484 -22.55 19.33 -13.29
C LEU B 484 -21.77 18.21 -13.97
N TYR B 485 -22.26 17.78 -15.15
CA TYR B 485 -21.70 16.65 -15.88
C TYR B 485 -22.11 16.81 -17.32
N PRO B 486 -21.23 16.49 -18.28
CA PRO B 486 -21.58 16.71 -19.70
C PRO B 486 -22.83 15.93 -20.09
N THR B 487 -23.78 16.64 -20.70
CA THR B 487 -25.07 16.02 -21.03
C THR B 487 -24.89 14.84 -21.98
N GLU B 488 -23.98 14.96 -22.95
CA GLU B 488 -23.75 13.88 -23.90
C GLU B 488 -23.38 12.59 -23.18
N LYS B 489 -22.59 12.69 -22.12
CA LYS B 489 -22.11 11.53 -21.39
C LYS B 489 -23.24 10.79 -20.68
N LEU B 490 -24.33 11.47 -20.38
CA LEU B 490 -25.46 10.85 -19.71
C LEU B 490 -26.35 10.03 -20.66
N ALA B 491 -26.10 10.09 -21.96
CA ALA B 491 -26.92 9.38 -22.92
C ALA B 491 -27.16 7.94 -22.49
N GLY B 492 -28.43 7.53 -22.54
CA GLY B 492 -28.79 6.17 -22.22
C GLY B 492 -28.65 5.79 -20.77
N SER B 493 -28.34 6.73 -19.89
CA SER B 493 -28.36 6.47 -18.45
C SER B 493 -29.76 6.76 -17.92
N LYS B 494 -30.02 6.30 -16.69
CA LYS B 494 -31.29 6.59 -16.05
C LYS B 494 -31.28 7.94 -15.33
N ILE B 495 -30.20 8.71 -15.43
CA ILE B 495 -30.07 9.96 -14.69
C ILE B 495 -30.83 11.06 -15.43
N CYS B 496 -31.80 11.67 -14.74
CA CYS B 496 -32.59 12.76 -15.27
C CYS B 496 -33.36 12.36 -16.52
N SER B 497 -33.70 11.07 -16.62
CA SER B 497 -34.40 10.57 -17.79
C SER B 497 -35.85 11.04 -17.80
#